data_4KZP
#
_entry.id   4KZP
#
_cell.length_a   85.700
_cell.length_b   86.070
_cell.length_c   92.330
_cell.angle_alpha   90.00
_cell.angle_beta   103.40
_cell.angle_gamma   90.00
#
_symmetry.space_group_name_H-M   'P 1 21 1'
#
loop_
_entity.id
_entity.type
_entity.pdbx_description
1 polymer 'Oxidoreductase, short chain dehydrogenase/reductase family protein'
2 non-polymer 1,2-ETHANEDIOL
3 non-polymer GLYCEROL
4 water water
#
_entity_poly.entity_id   1
_entity_poly.type   'polypeptide(L)'
_entity_poly.pdbx_seq_one_letter_code
;GPGSMTNDSHPSDTGPDRGADLDLSGKVAVVTGAAAGLGRAEAIGLAKAGATVVVNDIAGALEGSDVLDEIAAAGSKGVA
VAGDISQRSTADELVETAEGLGGLDIVVNNAGITRDRILFNMSDEEWDAVIAVHLRGHFLLTRNAAAYWRSKAKAGDGTV
YGRVINTSSEAGLSGPVGQPNYGAAKAGITALTLSAARALERFGVRANAIAPRARTAMTAGVFGDAPELAEGQMDPLSTD
HVVTLVQFLAAPASEGVNGQLFIVYGPSVTLVAAPTAEKQFVADEDAWEPADLSVTLRDYFADRDPERGFSATALMESRD
;
_entity_poly.pdbx_strand_id   A,B,C,D
#
# COMPACT_ATOMS: atom_id res chain seq x y z
N ASP A 21 24.96 27.64 -12.64
CA ASP A 21 24.35 26.38 -12.15
C ASP A 21 24.76 26.11 -10.70
N LEU A 22 26.00 25.65 -10.50
CA LEU A 22 26.48 25.23 -9.17
C LEU A 22 27.45 26.20 -8.51
N ASP A 23 27.84 27.25 -9.23
CA ASP A 23 28.83 28.22 -8.72
C ASP A 23 28.25 29.03 -7.55
N LEU A 24 28.94 29.02 -6.41
CA LEU A 24 28.50 29.75 -5.20
C LEU A 24 29.35 30.96 -4.92
N SER A 25 30.16 31.37 -5.90
CA SER A 25 30.99 32.56 -5.74
C SER A 25 30.13 33.76 -5.38
N GLY A 26 30.56 34.52 -4.38
CA GLY A 26 29.86 35.73 -3.99
C GLY A 26 28.78 35.49 -2.96
N LYS A 27 28.60 34.22 -2.57
CA LYS A 27 27.56 33.85 -1.61
C LYS A 27 28.18 33.52 -0.25
N VAL A 28 27.37 33.66 0.79
CA VAL A 28 27.81 33.39 2.15
C VAL A 28 26.93 32.28 2.73
N ALA A 29 27.59 31.24 3.24
CA ALA A 29 26.92 30.11 3.88
C ALA A 29 27.26 30.04 5.36
N VAL A 30 26.31 29.53 6.13
CA VAL A 30 26.50 29.26 7.56
C VAL A 30 26.29 27.75 7.73
N VAL A 31 27.25 27.09 8.36
CA VAL A 31 27.14 25.64 8.60
C VAL A 31 27.32 25.38 10.08
N THR A 32 26.37 24.66 10.70
CA THR A 32 26.49 24.37 12.15
C THR A 32 27.02 22.96 12.36
N GLY A 33 27.59 22.71 13.53
CA GLY A 33 28.28 21.44 13.79
C GLY A 33 29.44 21.19 12.83
N ALA A 34 30.16 22.26 12.48
CA ALA A 34 31.13 22.22 11.38
C ALA A 34 32.57 21.92 11.80
N ALA A 35 32.83 21.65 13.09
CA ALA A 35 34.23 21.40 13.45
C ALA A 35 34.74 20.04 12.98
N ALA A 36 33.81 19.09 12.82
CA ALA A 36 34.17 17.70 12.50
C ALA A 36 33.11 17.04 11.67
N GLY A 37 33.47 15.90 11.12
CA GLY A 37 32.54 15.00 10.47
C GLY A 37 31.79 15.59 9.29
N LEU A 38 30.49 15.33 9.27
CA LEU A 38 29.68 15.73 8.12
C LEU A 38 29.62 17.25 7.98
N GLY A 39 29.52 17.98 9.09
CA GLY A 39 29.42 19.44 9.02
C GLY A 39 30.71 20.01 8.48
N ARG A 40 31.82 19.49 8.96
CA ARG A 40 33.16 19.89 8.45
C ARG A 40 33.23 19.68 6.94
N ALA A 41 32.82 18.49 6.49
CA ALA A 41 32.78 18.18 5.06
C ALA A 41 31.86 19.08 4.24
N GLU A 42 30.71 19.43 4.81
CA GLU A 42 29.79 20.34 4.13
C GLU A 42 30.39 21.71 3.98
N ALA A 43 31.03 22.21 5.04
CA ALA A 43 31.64 23.53 5.00
C ALA A 43 32.75 23.57 3.94
N ILE A 44 33.56 22.53 3.90
CA ILE A 44 34.65 22.44 2.90
C ILE A 44 34.08 22.37 1.48
N GLY A 45 33.03 21.57 1.32
CA GLY A 45 32.40 21.39 -0.01
C GLY A 45 31.78 22.69 -0.52
N LEU A 46 31.14 23.46 0.38
CA LEU A 46 30.56 24.74 -0.02
C LEU A 46 31.66 25.73 -0.36
N ALA A 47 32.76 25.69 0.41
CA ALA A 47 33.94 26.51 0.10
C ALA A 47 34.51 26.18 -1.29
N LYS A 48 34.62 24.89 -1.61
CA LYS A 48 35.12 24.48 -2.92
C LYS A 48 34.24 24.97 -4.06
N ALA A 49 32.93 25.07 -3.81
CA ALA A 49 31.99 25.55 -4.82
C ALA A 49 32.01 27.09 -4.95
N GLY A 50 32.69 27.76 -4.02
CA GLY A 50 32.92 29.19 -4.12
C GLY A 50 32.38 30.07 -3.02
N ALA A 51 31.63 29.49 -2.07
CA ALA A 51 31.04 30.25 -0.97
C ALA A 51 32.06 30.68 0.07
N THR A 52 31.85 31.86 0.62
CA THR A 52 32.41 32.25 1.92
C THR A 52 31.63 31.48 2.99
N VAL A 53 32.35 30.83 3.92
CA VAL A 53 31.67 29.96 4.90
C VAL A 53 31.90 30.41 6.33
N VAL A 54 30.80 30.60 7.05
CA VAL A 54 30.81 30.84 8.49
C VAL A 54 30.60 29.48 9.16
N VAL A 55 31.58 29.01 9.92
CA VAL A 55 31.44 27.71 10.58
C VAL A 55 31.15 27.90 12.05
N ASN A 56 30.19 27.12 12.55
CA ASN A 56 29.82 27.15 13.96
C ASN A 56 29.98 25.78 14.58
N ASP A 57 30.44 25.76 15.84
CA ASP A 57 30.46 24.57 16.69
C ASP A 57 30.76 25.07 18.09
N ILE A 58 30.81 24.14 19.04
N ILE A 58 30.82 24.17 19.07
CA ILE A 58 31.29 24.44 20.41
CA ILE A 58 31.21 24.56 20.42
C ILE A 58 32.73 24.91 20.36
C ILE A 58 32.70 24.86 20.43
N ALA A 59 33.09 25.84 21.25
CA ALA A 59 34.41 26.48 21.22
C ALA A 59 35.60 25.52 21.21
N GLY A 60 35.57 24.52 22.08
CA GLY A 60 36.67 23.54 22.17
C GLY A 60 36.85 22.78 20.87
N ALA A 61 35.72 22.38 20.27
CA ALA A 61 35.72 21.65 19.01
C ALA A 61 36.28 22.49 17.87
N LEU A 62 35.88 23.77 17.81
CA LEU A 62 36.45 24.69 16.81
C LEU A 62 37.96 24.85 16.96
N GLU A 63 38.42 25.05 18.21
CA GLU A 63 39.84 25.20 18.53
C GLU A 63 40.72 24.04 18.03
N GLY A 64 40.21 22.81 18.03
CA GLY A 64 41.03 21.70 17.58
C GLY A 64 40.80 21.32 16.12
N SER A 65 39.99 22.11 15.41
CA SER A 65 39.57 21.74 14.06
C SER A 65 40.47 22.32 13.00
N ASP A 66 40.62 21.60 11.88
CA ASP A 66 41.33 22.10 10.72
C ASP A 66 40.39 22.74 9.71
N VAL A 67 39.11 22.95 10.08
CA VAL A 67 38.13 23.34 9.08
C VAL A 67 38.49 24.68 8.40
N LEU A 68 39.02 25.64 9.15
CA LEU A 68 39.36 26.93 8.53
C LEU A 68 40.51 26.75 7.54
N ASP A 69 41.49 25.91 7.87
CA ASP A 69 42.63 25.70 6.98
C ASP A 69 42.16 25.02 5.70
N GLU A 70 41.16 24.15 5.82
CA GLU A 70 40.65 23.46 4.64
C GLU A 70 39.78 24.35 3.76
N ILE A 71 39.04 25.26 4.39
CA ILE A 71 38.23 26.24 3.63
C ILE A 71 39.21 27.14 2.85
N ALA A 72 40.27 27.60 3.52
CA ALA A 72 41.31 28.38 2.83
C ALA A 72 41.91 27.62 1.66
N ALA A 73 42.20 26.32 1.87
CA ALA A 73 42.86 25.54 0.83
C ALA A 73 41.95 25.38 -0.36
N ALA A 74 40.65 25.37 -0.07
CA ALA A 74 39.64 25.21 -1.10
C ALA A 74 39.50 26.48 -1.94
N GLY A 75 40.08 27.57 -1.47
CA GLY A 75 40.15 28.83 -2.20
C GLY A 75 39.14 29.88 -1.76
N SER A 76 38.57 29.71 -0.57
CA SER A 76 37.56 30.63 -0.06
C SER A 76 37.91 31.19 1.29
N LYS A 77 37.06 32.11 1.74
CA LYS A 77 37.18 32.76 3.02
C LYS A 77 36.34 31.99 4.04
N GLY A 78 36.92 31.73 5.21
CA GLY A 78 36.17 31.10 6.31
C GLY A 78 36.26 31.92 7.57
N VAL A 79 35.17 31.91 8.36
CA VAL A 79 35.13 32.60 9.65
C VAL A 79 34.47 31.66 10.64
N ALA A 80 35.08 31.54 11.82
CA ALA A 80 34.53 30.65 12.87
C ALA A 80 33.82 31.46 13.94
N VAL A 81 32.65 30.98 14.32
CA VAL A 81 31.84 31.55 15.39
C VAL A 81 31.45 30.44 16.35
N ALA A 82 31.99 30.50 17.56
CA ALA A 82 31.77 29.49 18.58
C ALA A 82 30.43 29.74 19.25
N GLY A 83 29.79 28.66 19.68
CA GLY A 83 28.57 28.76 20.47
C GLY A 83 27.70 27.53 20.40
N ASP A 84 26.88 27.38 21.44
CA ASP A 84 25.86 26.35 21.54
C ASP A 84 24.66 26.77 20.69
N ILE A 85 24.38 26.01 19.62
CA ILE A 85 23.35 26.37 18.67
C ILE A 85 21.94 26.30 19.30
N SER A 86 21.82 25.64 20.44
CA SER A 86 20.52 25.60 21.15
C SER A 86 20.22 26.94 21.87
N GLN A 87 21.17 27.88 21.87
CA GLN A 87 21.00 29.17 22.53
C GLN A 87 20.76 30.27 21.51
N ARG A 88 19.77 31.14 21.80
CA ARG A 88 19.40 32.24 20.91
C ARG A 88 20.61 33.10 20.48
N SER A 89 21.47 33.43 21.43
CA SER A 89 22.64 34.27 21.11
C SER A 89 23.49 33.71 19.98
N THR A 90 23.55 32.37 19.84
CA THR A 90 24.39 31.77 18.81
C THR A 90 23.82 32.04 17.43
N ALA A 91 22.54 31.73 17.25
CA ALA A 91 21.91 31.98 15.93
C ALA A 91 21.94 33.47 15.60
N ASP A 92 21.83 34.33 16.62
CA ASP A 92 21.89 35.79 16.40
C ASP A 92 23.25 36.16 15.84
N GLU A 93 24.30 35.67 16.49
CA GLU A 93 25.66 36.01 16.07
C GLU A 93 25.98 35.46 14.67
N LEU A 94 25.47 34.28 14.37
CA LEU A 94 25.73 33.67 13.05
C LEU A 94 25.18 34.51 11.91
N VAL A 95 23.94 34.97 12.08
CA VAL A 95 23.32 35.84 11.05
C VAL A 95 24.01 37.20 10.97
N GLU A 96 24.35 37.77 12.12
CA GLU A 96 25.05 39.05 12.18
C GLU A 96 26.41 38.95 11.49
N THR A 97 27.10 37.84 11.71
CA THR A 97 28.41 37.60 11.11
C THR A 97 28.25 37.49 9.59
N ALA A 98 27.26 36.73 9.16
CA ALA A 98 26.98 36.59 7.74
C ALA A 98 26.68 37.95 7.09
N GLU A 99 25.85 38.77 7.75
CA GLU A 99 25.49 40.08 7.23
C GLU A 99 26.74 40.96 7.04
N GLY A 100 27.66 40.88 7.99
CA GLY A 100 28.91 41.64 7.93
C GLY A 100 29.82 41.23 6.80
N LEU A 101 29.64 40.00 6.31
CA LEU A 101 30.39 39.46 5.20
C LEU A 101 29.70 39.75 3.87
N GLY A 102 28.57 40.43 3.93
CA GLY A 102 27.86 40.87 2.73
C GLY A 102 26.47 40.32 2.54
N GLY A 103 26.06 39.39 3.39
CA GLY A 103 24.70 38.86 3.33
C GLY A 103 24.63 37.42 3.79
N LEU A 104 23.44 36.83 3.71
CA LEU A 104 23.27 35.44 4.10
C LEU A 104 22.56 34.75 2.95
N ASP A 105 23.19 33.74 2.38
CA ASP A 105 22.61 33.03 1.24
C ASP A 105 22.18 31.60 1.52
N ILE A 106 22.90 30.91 2.40
CA ILE A 106 22.80 29.44 2.54
C ILE A 106 22.90 29.13 4.01
N VAL A 107 21.96 28.34 4.52
CA VAL A 107 22.03 27.86 5.89
C VAL A 107 22.04 26.32 5.86
N VAL A 108 23.02 25.72 6.51
CA VAL A 108 23.02 24.26 6.68
C VAL A 108 22.96 23.97 8.17
N ASN A 109 21.80 23.48 8.62
CA ASN A 109 21.64 23.06 10.01
C ASN A 109 22.05 21.60 10.10
N ASN A 110 23.18 21.37 10.74
CA ASN A 110 23.79 20.04 10.86
C ASN A 110 24.09 19.65 12.31
N ALA A 111 24.28 20.64 13.17
CA ALA A 111 24.68 20.34 14.56
C ALA A 111 23.77 19.33 15.25
N GLY A 112 24.37 18.43 16.02
CA GLY A 112 23.58 17.47 16.75
C GLY A 112 24.42 16.65 17.69
N ILE A 113 23.73 16.01 18.63
CA ILE A 113 24.30 15.07 19.58
C ILE A 113 23.33 13.88 19.64
N THR A 114 23.82 12.70 20.02
CA THR A 114 22.91 11.59 20.37
C THR A 114 23.01 11.36 21.87
N ARG A 115 21.89 10.95 22.45
CA ARG A 115 21.85 10.48 23.82
CA ARG A 115 21.86 10.47 23.83
C ARG A 115 20.91 9.28 23.78
N ASP A 116 21.39 8.17 23.24
CA ASP A 116 20.50 7.03 23.00
C ASP A 116 20.13 6.30 24.27
N ARG A 117 18.85 5.94 24.37
CA ARG A 117 18.39 5.08 25.44
C ARG A 117 17.03 4.52 25.04
N ILE A 118 16.76 3.28 25.40
CA ILE A 118 15.40 2.76 25.22
C ILE A 118 14.44 3.58 26.09
N LEU A 119 13.23 3.83 25.60
CA LEU A 119 12.35 4.83 26.26
C LEU A 119 12.18 4.61 27.77
N PHE A 120 12.01 3.37 28.20
CA PHE A 120 11.71 3.15 29.62
C PHE A 120 12.88 3.44 30.56
N ASN A 121 14.08 3.62 29.98
CA ASN A 121 15.28 4.00 30.73
C ASN A 121 15.74 5.45 30.51
N MET A 122 15.05 6.19 29.66
CA MET A 122 15.54 7.53 29.27
C MET A 122 15.28 8.58 30.33
N SER A 123 16.29 9.40 30.61
CA SER A 123 16.13 10.47 31.59
C SER A 123 15.58 11.73 30.92
N ASP A 124 15.09 12.64 31.77
CA ASP A 124 14.58 13.93 31.28
C ASP A 124 15.71 14.67 30.53
N GLU A 125 16.91 14.62 31.11
CA GLU A 125 18.08 15.30 30.54
CA GLU A 125 18.06 15.31 30.54
C GLU A 125 18.45 14.75 29.16
N GLU A 126 18.39 13.41 29.01
CA GLU A 126 18.69 12.79 27.71
C GLU A 126 17.73 13.21 26.64
N TRP A 127 16.45 13.27 27.01
CA TRP A 127 15.43 13.75 26.09
C TRP A 127 15.69 15.20 25.75
N ASP A 128 15.84 16.04 26.78
CA ASP A 128 15.83 17.48 26.58
C ASP A 128 17.04 17.94 25.79
N ALA A 129 18.19 17.33 26.04
CA ALA A 129 19.42 17.73 25.40
C ALA A 129 19.35 17.53 23.89
N VAL A 130 18.81 16.39 23.48
CA VAL A 130 18.67 16.05 22.07
C VAL A 130 17.64 16.98 21.37
N ILE A 131 16.50 17.18 22.02
CA ILE A 131 15.51 18.13 21.50
C ILE A 131 16.11 19.56 21.37
N ALA A 132 16.84 20.00 22.37
CA ALA A 132 17.42 21.33 22.33
C ALA A 132 18.45 21.49 21.19
N VAL A 133 19.44 20.61 21.07
CA VAL A 133 20.49 20.85 20.07
C VAL A 133 19.94 20.66 18.64
N HIS A 134 19.20 19.58 18.40
CA HIS A 134 18.68 19.29 17.05
C HIS A 134 17.51 20.20 16.72
N LEU A 135 16.44 20.08 17.50
CA LEU A 135 15.21 20.75 17.12
C LEU A 135 15.21 22.24 17.45
N ARG A 136 15.59 22.62 18.66
CA ARG A 136 15.63 24.05 18.93
C ARG A 136 16.73 24.74 18.13
N GLY A 137 17.85 24.07 17.94
CA GLY A 137 18.94 24.68 17.19
C GLY A 137 18.50 24.91 15.74
N HIS A 138 17.87 23.92 15.14
CA HIS A 138 17.35 24.08 13.78
C HIS A 138 16.30 25.21 13.73
N PHE A 139 15.40 25.23 14.69
CA PHE A 139 14.42 26.33 14.79
C PHE A 139 15.10 27.71 14.85
N LEU A 140 16.01 27.91 15.81
CA LEU A 140 16.56 29.26 15.99
C LEU A 140 17.23 29.82 14.74
N LEU A 141 18.05 28.98 14.08
CA LEU A 141 18.79 29.44 12.91
C LEU A 141 17.86 29.55 11.71
N THR A 142 16.92 28.62 11.55
CA THR A 142 15.99 28.72 10.42
C THR A 142 15.08 29.94 10.58
N ARG A 143 14.60 30.19 11.80
CA ARG A 143 13.74 31.36 12.09
C ARG A 143 14.52 32.64 11.87
N ASN A 144 15.75 32.71 12.40
CA ASN A 144 16.58 33.91 12.18
C ASN A 144 16.79 34.19 10.69
N ALA A 145 17.11 33.14 9.94
CA ALA A 145 17.39 33.27 8.51
C ALA A 145 16.10 33.73 7.81
N ALA A 146 14.97 33.10 8.18
CA ALA A 146 13.69 33.43 7.56
C ALA A 146 13.35 34.92 7.75
N ALA A 147 13.58 35.44 8.96
CA ALA A 147 13.32 36.84 9.28
C ALA A 147 14.23 37.77 8.50
N TYR A 148 15.50 37.35 8.38
CA TYR A 148 16.48 38.07 7.60
C TYR A 148 16.06 38.16 6.14
N TRP A 149 15.71 37.01 5.55
CA TRP A 149 15.35 36.98 4.12
C TRP A 149 14.07 37.78 3.84
N ARG A 150 13.09 37.66 4.74
CA ARG A 150 11.86 38.41 4.59
C ARG A 150 12.15 39.91 4.57
N SER A 151 12.96 40.39 5.54
CA SER A 151 13.35 41.79 5.61
CA SER A 151 13.37 41.79 5.61
C SER A 151 14.15 42.24 4.39
N LYS A 152 15.06 41.38 3.93
CA LYS A 152 15.89 41.71 2.76
C LYS A 152 15.01 41.85 1.53
N ALA A 153 14.04 40.95 1.38
CA ALA A 153 13.14 40.98 0.22
C ALA A 153 12.26 42.24 0.23
N LYS A 154 11.81 42.65 1.42
CA LYS A 154 10.99 43.86 1.64
C LYS A 154 11.78 45.13 1.30
N ALA A 155 13.07 45.14 1.62
CA ALA A 155 13.92 46.30 1.35
C ALA A 155 14.33 46.36 -0.12
N GLY A 156 14.26 45.22 -0.81
CA GLY A 156 14.63 45.12 -2.22
C GLY A 156 13.44 45.07 -3.14
N ASP A 157 13.43 44.11 -4.06
CA ASP A 157 12.37 43.99 -5.06
C ASP A 157 11.31 42.92 -4.74
N GLY A 158 11.28 42.45 -3.49
CA GLY A 158 10.35 41.40 -3.07
C GLY A 158 10.90 40.00 -3.21
N THR A 159 12.14 39.88 -3.68
CA THR A 159 12.80 38.58 -3.78
C THR A 159 14.20 38.66 -3.16
N VAL A 160 14.75 37.50 -2.82
CA VAL A 160 16.09 37.39 -2.23
C VAL A 160 16.58 35.96 -2.53
N TYR A 161 17.89 35.78 -2.70
CA TYR A 161 18.44 34.45 -2.79
C TYR A 161 18.49 33.82 -1.40
N GLY A 162 18.02 32.58 -1.31
CA GLY A 162 18.17 31.86 -0.03
C GLY A 162 17.99 30.37 -0.16
N ARG A 163 18.77 29.61 0.63
CA ARG A 163 18.67 28.14 0.66
C ARG A 163 18.81 27.67 2.10
N VAL A 164 17.91 26.77 2.51
CA VAL A 164 17.98 26.12 3.83
C VAL A 164 18.15 24.64 3.51
N ILE A 165 19.20 24.04 4.05
CA ILE A 165 19.42 22.59 4.01
C ILE A 165 19.41 22.13 5.46
N ASN A 166 18.33 21.43 5.82
CA ASN A 166 18.17 20.92 7.19
C ASN A 166 18.46 19.44 7.22
N THR A 167 18.90 18.98 8.38
CA THR A 167 19.34 17.60 8.55
C THR A 167 18.35 16.80 9.39
N SER A 168 17.58 15.97 8.70
CA SER A 168 16.71 15.01 9.35
C SER A 168 17.47 13.67 9.43
N SER A 169 16.73 12.57 9.52
CA SER A 169 17.31 11.23 9.57
CA SER A 169 17.32 11.24 9.54
C SER A 169 16.25 10.20 9.23
N GLU A 170 16.69 9.03 8.79
CA GLU A 170 15.77 7.91 8.67
CA GLU A 170 15.82 7.87 8.67
C GLU A 170 15.12 7.60 10.02
N ALA A 171 15.77 8.01 11.13
CA ALA A 171 15.16 7.83 12.46
C ALA A 171 13.84 8.58 12.61
N GLY A 172 13.69 9.71 11.94
CA GLY A 172 12.45 10.45 12.05
C GLY A 172 11.29 9.73 11.40
N LEU A 173 11.63 8.83 10.47
CA LEU A 173 10.66 8.03 9.72
C LEU A 173 10.36 6.68 10.38
N SER A 174 11.28 6.19 11.20
CA SER A 174 11.18 4.84 11.73
C SER A 174 10.97 4.74 13.23
N GLY A 175 11.22 5.81 13.98
CA GLY A 175 11.20 5.77 15.46
C GLY A 175 11.98 4.61 16.06
N PRO A 176 13.31 4.66 15.99
CA PRO A 176 14.10 3.54 16.47
C PRO A 176 13.94 3.28 17.94
N VAL A 177 14.03 2.01 18.31
CA VAL A 177 13.82 1.63 19.72
C VAL A 177 14.85 2.26 20.68
N GLY A 178 16.07 2.52 20.20
CA GLY A 178 17.06 3.10 21.09
C GLY A 178 17.16 4.60 20.98
N GLN A 179 16.25 5.20 20.21
CA GLN A 179 16.38 6.62 19.85
C GLN A 179 15.07 7.38 19.86
N PRO A 180 14.25 7.22 20.91
CA PRO A 180 12.96 7.96 20.89
C PRO A 180 13.17 9.48 20.80
N ASN A 181 14.18 10.01 21.52
CA ASN A 181 14.50 11.44 21.45
C ASN A 181 15.00 11.91 20.07
N TYR A 182 15.95 11.18 19.50
CA TYR A 182 16.55 11.55 18.23
C TYR A 182 15.50 11.40 17.09
N GLY A 183 14.71 10.34 17.16
CA GLY A 183 13.66 10.15 16.14
C GLY A 183 12.67 11.32 16.21
N ALA A 184 12.29 11.72 17.42
CA ALA A 184 11.29 12.78 17.61
C ALA A 184 11.87 14.11 17.09
N ALA A 185 13.14 14.40 17.47
CA ALA A 185 13.80 15.64 17.00
C ALA A 185 13.87 15.66 15.47
N LYS A 186 14.23 14.52 14.87
CA LYS A 186 14.39 14.50 13.43
C LYS A 186 13.08 14.58 12.67
N ALA A 187 12.03 13.95 13.20
CA ALA A 187 10.70 14.10 12.58
C ALA A 187 10.22 15.55 12.71
N GLY A 188 10.50 16.19 13.87
CA GLY A 188 10.13 17.59 14.03
C GLY A 188 10.85 18.49 13.06
N ILE A 189 12.13 18.17 12.80
CA ILE A 189 12.92 18.96 11.87
C ILE A 189 12.32 18.88 10.46
N THR A 190 11.87 17.70 10.08
CA THR A 190 11.23 17.56 8.76
C THR A 190 10.01 18.46 8.64
N ALA A 191 9.13 18.43 9.65
CA ALA A 191 7.92 19.26 9.61
C ALA A 191 8.26 20.75 9.66
N LEU A 192 9.20 21.14 10.53
CA LEU A 192 9.69 22.53 10.50
C LEU A 192 10.16 22.96 9.10
N THR A 193 10.90 22.08 8.43
CA THR A 193 11.42 22.36 7.09
C THR A 193 10.29 22.56 6.06
N LEU A 194 9.27 21.70 6.13
CA LEU A 194 8.10 21.85 5.28
C LEU A 194 7.42 23.19 5.51
N SER A 195 7.30 23.61 6.78
CA SER A 195 6.65 24.89 7.10
CA SER A 195 6.63 24.87 7.08
CA SER A 195 6.65 24.88 7.09
C SER A 195 7.47 26.05 6.57
N ALA A 196 8.80 25.95 6.73
CA ALA A 196 9.74 26.97 6.26
C ALA A 196 9.65 27.10 4.75
N ALA A 197 9.59 25.96 4.06
CA ALA A 197 9.45 25.95 2.60
C ALA A 197 8.18 26.70 2.16
N ARG A 198 7.08 26.50 2.88
CA ARG A 198 5.82 27.19 2.59
C ARG A 198 5.91 28.70 2.83
N ALA A 199 6.52 29.08 3.96
CA ALA A 199 6.60 30.49 4.31
C ALA A 199 7.49 31.29 3.39
N LEU A 200 8.56 30.66 2.87
CA LEU A 200 9.64 31.38 2.20
C LEU A 200 9.54 31.35 0.68
N GLU A 201 8.72 30.44 0.16
CA GLU A 201 8.67 30.20 -1.30
C GLU A 201 8.49 31.48 -2.14
N ARG A 202 7.54 32.32 -1.75
CA ARG A 202 7.20 33.49 -2.58
C ARG A 202 8.33 34.51 -2.68
N PHE A 203 9.27 34.46 -1.75
CA PHE A 203 10.46 35.33 -1.80
C PHE A 203 11.58 34.77 -2.67
N GLY A 204 11.37 33.55 -3.17
CA GLY A 204 12.36 32.87 -4.00
C GLY A 204 13.29 31.94 -3.22
N VAL A 205 13.07 31.87 -1.90
CA VAL A 205 13.91 31.03 -1.00
C VAL A 205 13.42 29.58 -1.08
N ARG A 206 14.32 28.62 -0.97
CA ARG A 206 13.96 27.20 -1.01
C ARG A 206 14.51 26.52 0.25
N ALA A 207 13.75 25.57 0.80
CA ALA A 207 14.14 24.88 2.03
C ALA A 207 13.84 23.40 1.83
N ASN A 208 14.85 22.56 2.09
CA ASN A 208 14.69 21.11 1.95
C ASN A 208 15.45 20.38 3.06
N ALA A 209 15.14 19.10 3.22
CA ALA A 209 15.71 18.29 4.29
C ALA A 209 16.47 17.11 3.71
N ILE A 210 17.61 16.78 4.33
CA ILE A 210 18.35 15.57 3.92
C ILE A 210 18.37 14.58 5.06
N ALA A 211 18.44 13.29 4.75
CA ALA A 211 18.58 12.25 5.76
C ALA A 211 19.78 11.43 5.35
N PRO A 212 20.95 11.79 5.88
CA PRO A 212 22.20 11.21 5.35
C PRO A 212 22.71 10.00 6.14
N ARG A 213 23.60 9.24 5.52
CA ARG A 213 24.47 8.32 6.23
C ARG A 213 25.85 8.60 5.70
N ALA A 214 26.82 8.69 6.61
CA ALA A 214 28.22 8.91 6.23
C ALA A 214 29.14 8.46 7.35
N ARG A 215 30.26 7.85 6.96
CA ARG A 215 31.25 7.35 7.91
C ARG A 215 32.09 8.51 8.43
N THR A 216 32.02 8.73 9.74
CA THR A 216 32.81 9.77 10.41
C THR A 216 33.34 9.19 11.72
N ALA A 217 34.12 9.98 12.46
CA ALA A 217 34.62 9.52 13.75
C ALA A 217 33.48 9.24 14.73
N MET A 218 32.41 10.05 14.66
CA MET A 218 31.24 9.84 15.50
C MET A 218 30.42 8.60 15.12
N THR A 219 30.38 8.26 13.83
CA THR A 219 29.58 7.11 13.38
C THR A 219 30.37 5.80 13.25
N ALA A 220 31.67 5.86 13.55
CA ALA A 220 32.57 4.69 13.49
C ALA A 220 32.02 3.48 14.26
N GLY A 221 31.36 3.75 15.39
CA GLY A 221 30.70 2.72 16.19
C GLY A 221 29.59 1.99 15.43
N VAL A 222 28.87 2.74 14.60
CA VAL A 222 27.79 2.16 13.82
C VAL A 222 28.27 1.50 12.53
N PHE A 223 29.14 2.19 11.77
CA PHE A 223 29.49 1.76 10.41
C PHE A 223 30.81 0.99 10.28
N GLY A 224 31.66 1.06 11.29
CA GLY A 224 33.00 0.45 11.20
C GLY A 224 33.97 1.34 10.45
N ASP A 225 35.22 0.89 10.34
CA ASP A 225 36.27 1.66 9.67
C ASP A 225 36.17 1.56 8.13
N ALA A 226 36.89 2.46 7.45
CA ALA A 226 36.87 2.53 5.99
C ALA A 226 37.42 1.27 5.32
N PRO A 227 36.67 0.69 4.36
CA PRO A 227 37.07 -0.54 3.67
C PRO A 227 38.18 -0.34 2.65
N GLU A 228 38.70 -1.46 2.12
CA GLU A 228 39.71 -1.49 1.06
C GLU A 228 40.64 -0.27 1.05
N ALA A 230 41.45 1.07 -3.59
CA ALA A 230 41.88 1.09 -4.98
C ALA A 230 41.94 2.51 -5.51
N GLU A 231 42.86 2.76 -6.44
CA GLU A 231 43.04 4.10 -7.01
C GLU A 231 41.84 4.50 -7.87
N GLY A 232 41.06 5.45 -7.36
CA GLY A 232 39.85 5.90 -8.05
C GLY A 232 38.56 5.55 -7.33
N GLN A 233 38.58 4.50 -6.51
CA GLN A 233 37.39 4.06 -5.76
C GLN A 233 37.09 5.01 -4.61
N MET A 234 35.81 5.15 -4.28
CA MET A 234 35.40 5.97 -3.14
C MET A 234 34.69 5.09 -2.09
N ASP A 235 34.96 5.37 -0.81
CA ASP A 235 34.26 4.74 0.30
C ASP A 235 32.73 4.86 0.07
N PRO A 236 32.00 3.72 0.12
CA PRO A 236 30.53 3.72 -0.05
C PRO A 236 29.81 4.64 0.92
N LEU A 237 30.45 4.99 2.02
CA LEU A 237 29.83 5.86 3.02
C LEU A 237 30.62 7.14 3.22
N SER A 238 31.38 7.53 2.21
CA SER A 238 32.13 8.77 2.28
C SER A 238 31.17 9.94 2.47
N THR A 239 31.59 10.91 3.29
CA THR A 239 30.88 12.21 3.36
C THR A 239 30.70 12.86 1.98
N ASP A 240 31.61 12.55 1.04
CA ASP A 240 31.52 13.08 -0.32
C ASP A 240 30.13 12.92 -0.92
N HIS A 241 29.52 11.76 -0.71
CA HIS A 241 28.22 11.46 -1.32
C HIS A 241 27.14 12.44 -0.89
N VAL A 242 27.21 12.84 0.38
CA VAL A 242 26.24 13.74 0.99
C VAL A 242 26.53 15.16 0.53
N VAL A 243 27.81 15.51 0.54
CA VAL A 243 28.24 16.88 0.21
C VAL A 243 27.82 17.24 -1.23
N THR A 244 27.91 16.29 -2.15
CA THR A 244 27.52 16.55 -3.53
C THR A 244 26.05 17.01 -3.63
N LEU A 245 25.17 16.37 -2.85
CA LEU A 245 23.76 16.81 -2.81
C LEU A 245 23.60 18.18 -2.12
N VAL A 246 24.31 18.38 -1.02
CA VAL A 246 24.24 19.66 -0.33
C VAL A 246 24.68 20.81 -1.24
N GLN A 247 25.71 20.58 -2.04
CA GLN A 247 26.19 21.58 -3.00
C GLN A 247 25.07 21.94 -3.99
N PHE A 248 24.31 20.95 -4.43
CA PHE A 248 23.22 21.20 -5.36
C PHE A 248 22.11 22.00 -4.68
N LEU A 249 21.75 21.56 -3.47
CA LEU A 249 20.67 22.18 -2.69
C LEU A 249 21.02 23.59 -2.24
N ALA A 250 22.32 23.91 -2.25
CA ALA A 250 22.79 25.26 -1.90
C ALA A 250 22.83 26.23 -3.09
N ALA A 251 22.64 25.69 -4.28
CA ALA A 251 22.98 26.40 -5.54
C ALA A 251 21.74 26.87 -6.32
N PRO A 252 21.94 27.83 -7.26
CA PRO A 252 20.86 28.27 -8.14
C PRO A 252 20.21 27.11 -8.88
N ALA A 253 20.99 26.08 -9.20
CA ALA A 253 20.48 24.91 -9.90
C ALA A 253 19.25 24.27 -9.25
N SER A 254 19.11 24.40 -7.94
CA SER A 254 18.01 23.76 -7.20
C SER A 254 16.80 24.68 -7.00
N GLU A 255 16.67 25.71 -7.83
CA GLU A 255 15.55 26.64 -7.74
C GLU A 255 14.19 25.94 -7.80
N GLY A 256 14.12 24.79 -8.45
CA GLY A 256 12.85 24.06 -8.61
C GLY A 256 12.54 23.07 -7.49
N VAL A 257 13.40 23.03 -6.48
CA VAL A 257 13.33 22.04 -5.42
C VAL A 257 13.00 22.72 -4.09
N ASN A 258 11.80 22.44 -3.56
CA ASN A 258 11.36 23.04 -2.30
C ASN A 258 10.42 22.10 -1.55
N GLY A 259 10.61 22.01 -0.25
CA GLY A 259 9.75 21.19 0.60
C GLY A 259 9.93 19.70 0.36
N GLN A 260 11.14 19.30 -0.01
CA GLN A 260 11.42 17.90 -0.28
C GLN A 260 12.29 17.29 0.80
N LEU A 261 12.21 15.97 0.88
CA LEU A 261 13.05 15.18 1.80
C LEU A 261 13.84 14.18 0.97
N PHE A 262 15.17 14.20 1.10
CA PHE A 262 16.05 13.29 0.37
C PHE A 262 16.83 12.38 1.33
N ILE A 263 16.83 11.08 1.08
CA ILE A 263 17.76 10.18 1.76
C ILE A 263 19.01 10.10 0.88
N VAL A 264 20.18 10.18 1.50
CA VAL A 264 21.40 10.19 0.69
C VAL A 264 22.55 9.48 1.37
N TYR A 265 23.12 8.52 0.66
CA TYR A 265 24.39 7.87 1.00
C TYR A 265 24.86 7.01 -0.15
N GLY A 266 26.17 6.93 -0.32
CA GLY A 266 26.74 6.31 -1.52
C GLY A 266 26.31 7.07 -2.76
N PRO A 267 26.41 6.42 -3.93
CA PRO A 267 26.08 7.04 -5.22
C PRO A 267 24.57 7.05 -5.48
N SER A 268 23.80 7.26 -4.42
CA SER A 268 22.36 7.10 -4.50
C SER A 268 21.65 8.20 -3.71
N VAL A 269 20.70 8.87 -4.36
CA VAL A 269 19.87 9.90 -3.72
C VAL A 269 18.42 9.43 -3.88
N THR A 270 17.71 9.31 -2.78
CA THR A 270 16.31 8.87 -2.83
C THR A 270 15.38 10.02 -2.48
N LEU A 271 14.51 10.37 -3.41
CA LEU A 271 13.48 11.37 -3.11
C LEU A 271 12.32 10.65 -2.44
N VAL A 272 11.95 11.08 -1.24
CA VAL A 272 10.90 10.41 -0.46
C VAL A 272 9.50 10.91 -0.78
N ALA A 273 8.58 9.98 -1.00
CA ALA A 273 7.20 10.34 -1.23
C ALA A 273 6.47 10.59 0.08
N ALA A 274 5.54 11.54 0.04
CA ALA A 274 4.63 11.80 1.15
C ALA A 274 3.88 10.53 1.62
N PRO A 275 3.54 10.43 2.92
CA PRO A 275 2.62 9.39 3.42
C PRO A 275 1.31 9.44 2.66
N THR A 276 0.64 8.29 2.60
CA THR A 276 -0.62 8.14 1.88
C THR A 276 -1.57 7.38 2.81
N ALA A 277 -2.83 7.26 2.39
CA ALA A 277 -3.80 6.47 3.14
C ALA A 277 -3.64 5.00 2.80
N GLU A 278 -3.48 4.14 3.80
CA GLU A 278 -3.50 2.68 3.56
C GLU A 278 -4.94 2.20 3.35
N LYS A 279 -5.85 2.69 4.18
CA LYS A 279 -7.22 2.21 4.18
C LYS A 279 -8.13 3.23 4.85
N GLN A 280 -9.27 3.50 4.22
CA GLN A 280 -10.33 4.30 4.82
C GLN A 280 -11.43 3.39 5.34
N PHE A 281 -11.82 3.58 6.59
CA PHE A 281 -12.93 2.86 7.21
C PHE A 281 -14.08 3.82 7.45
N VAL A 282 -15.11 3.71 6.62
CA VAL A 282 -16.23 4.64 6.65
C VAL A 282 -17.51 3.95 7.12
N ALA A 283 -18.16 4.51 8.14
CA ALA A 283 -19.41 3.95 8.69
C ALA A 283 -20.56 4.00 7.69
N ASP A 284 -21.55 3.14 7.92
CA ASP A 284 -22.76 3.12 7.08
C ASP A 284 -23.62 4.35 7.32
N GLU A 285 -23.66 4.80 8.57
CA GLU A 285 -24.48 5.93 8.99
C GLU A 285 -23.61 7.16 9.31
N ASP A 286 -24.20 8.17 9.95
CA ASP A 286 -23.45 9.39 10.22
C ASP A 286 -22.45 9.29 11.39
N ALA A 287 -22.37 8.12 12.02
CA ALA A 287 -21.37 7.87 13.09
C ALA A 287 -21.11 6.38 13.22
N TRP A 288 -19.88 6.03 13.59
CA TRP A 288 -19.55 4.65 13.91
C TRP A 288 -20.13 4.22 15.25
N GLU A 289 -20.87 3.11 15.29
CA GLU A 289 -21.15 2.46 16.56
C GLU A 289 -19.86 1.85 17.06
N PRO A 290 -19.53 2.03 18.36
CA PRO A 290 -18.24 1.55 18.87
C PRO A 290 -18.02 0.05 18.65
N ALA A 291 -19.06 -0.77 18.81
CA ALA A 291 -18.92 -2.20 18.58
C ALA A 291 -18.62 -2.51 17.11
N ASP A 292 -19.25 -1.77 16.19
CA ASP A 292 -19.05 -1.96 14.74
C ASP A 292 -17.64 -1.54 14.29
N LEU A 293 -17.14 -0.44 14.84
CA LEU A 293 -15.79 0.00 14.46
C LEU A 293 -14.78 -0.95 15.04
N SER A 294 -15.03 -1.40 16.28
CA SER A 294 -14.10 -2.32 16.93
C SER A 294 -13.95 -3.63 16.17
N VAL A 295 -15.08 -4.25 15.83
CA VAL A 295 -15.05 -5.49 15.04
C VAL A 295 -14.38 -5.27 13.68
N THR A 296 -14.72 -4.14 13.04
CA THR A 296 -14.14 -3.81 11.74
C THR A 296 -12.62 -3.69 11.83
N LEU A 297 -12.12 -2.92 12.81
CA LEU A 297 -10.68 -2.72 12.87
C LEU A 297 -9.96 -3.99 13.35
N ARG A 298 -10.52 -4.65 14.37
CA ARG A 298 -9.93 -5.88 14.90
C ARG A 298 -9.81 -6.89 13.77
N ASP A 299 -10.88 -7.06 13.00
CA ASP A 299 -10.86 -8.05 11.94
C ASP A 299 -9.92 -7.68 10.78
N TYR A 300 -9.81 -6.39 10.49
CA TYR A 300 -8.83 -5.95 9.50
C TYR A 300 -7.38 -6.23 9.95
N PHE A 301 -7.05 -5.94 11.20
CA PHE A 301 -5.70 -6.16 11.67
C PHE A 301 -5.33 -7.63 11.92
N ALA A 302 -6.33 -8.47 12.14
CA ALA A 302 -6.09 -9.88 12.45
C ALA A 302 -5.60 -10.62 11.22
N ASP A 303 -5.85 -10.05 10.04
CA ASP A 303 -5.47 -10.70 8.80
C ASP A 303 -4.43 -9.88 8.05
N ARG A 304 -3.72 -9.05 8.80
CA ARG A 304 -2.77 -8.10 8.22
C ARG A 304 -1.36 -8.35 8.74
N ASP A 305 -0.35 -8.06 7.91
CA ASP A 305 1.07 -8.20 8.24
C ASP A 305 1.50 -7.56 9.57
N PRO A 306 2.32 -8.31 10.36
CA PRO A 306 2.78 -7.88 11.69
C PRO A 306 3.64 -6.61 11.72
N GLU A 307 4.60 -6.48 10.80
CA GLU A 307 5.57 -5.39 10.86
C GLU A 307 5.07 -4.11 10.19
N ARG A 308 3.87 -4.18 9.62
CA ARG A 308 3.29 -3.10 8.81
C ARG A 308 2.70 -2.01 9.71
N GLY A 309 3.21 -0.79 9.55
CA GLY A 309 2.69 0.36 10.28
C GLY A 309 3.20 1.67 9.71
N PHE A 310 3.10 2.74 10.50
CA PHE A 310 3.52 4.04 9.99
C PHE A 310 5.04 4.18 9.86
N SER A 311 5.78 3.33 10.58
CA SER A 311 7.25 3.33 10.44
C SER A 311 7.67 2.94 9.03
N ALA A 312 8.64 3.65 8.48
CA ALA A 312 9.09 3.42 7.11
C ALA A 312 10.09 2.26 7.02
N ASP B 21 9.53 -2.81 -40.65
CA ASP B 21 8.36 -2.71 -39.72
C ASP B 21 8.68 -3.30 -38.35
N LEU B 22 9.90 -3.82 -38.17
CA LEU B 22 10.33 -4.41 -36.90
C LEU B 22 11.30 -3.51 -36.14
N ASP B 23 11.69 -2.40 -36.75
CA ASP B 23 12.67 -1.49 -36.17
C ASP B 23 12.05 -0.74 -35.01
N LEU B 24 12.68 -0.84 -33.84
CA LEU B 24 12.19 -0.15 -32.65
C LEU B 24 13.01 1.07 -32.31
N SER B 25 13.86 1.52 -33.23
CA SER B 25 14.71 2.70 -32.96
C SER B 25 13.84 3.88 -32.61
N GLY B 26 14.24 4.63 -31.59
CA GLY B 26 13.48 5.78 -31.11
C GLY B 26 12.38 5.46 -30.11
N LYS B 27 12.19 4.18 -29.81
CA LYS B 27 11.15 3.74 -28.88
CA LYS B 27 11.14 3.77 -28.88
C LYS B 27 11.72 3.39 -27.52
N VAL B 28 10.87 3.45 -26.50
CA VAL B 28 11.28 3.15 -25.12
C VAL B 28 10.39 2.01 -24.61
N ALA B 29 11.03 0.96 -24.11
CA ALA B 29 10.35 -0.22 -23.53
C ALA B 29 10.64 -0.36 -22.06
N VAL B 30 9.67 -0.87 -21.33
CA VAL B 30 9.84 -1.26 -19.94
C VAL B 30 9.61 -2.77 -19.88
N VAL B 31 10.55 -3.49 -19.25
CA VAL B 31 10.45 -4.95 -19.04
C VAL B 31 10.61 -5.25 -17.56
N THR B 32 9.63 -5.96 -16.98
CA THR B 32 9.70 -6.36 -15.57
C THR B 32 10.24 -7.79 -15.47
N GLY B 33 10.76 -8.11 -14.30
CA GLY B 33 11.45 -9.38 -14.08
C GLY B 33 12.64 -9.57 -15.02
N ALA B 34 13.35 -8.48 -15.27
CA ALA B 34 14.32 -8.44 -16.35
C ALA B 34 15.76 -8.78 -15.93
N ALA B 35 15.99 -9.10 -14.67
CA ALA B 35 17.38 -9.38 -14.23
C ALA B 35 17.88 -10.72 -14.76
N ALA B 36 16.96 -11.65 -14.99
CA ALA B 36 17.36 -13.00 -15.37
C ALA B 36 16.33 -13.66 -16.26
N GLY B 37 16.71 -14.79 -16.84
CA GLY B 37 15.78 -15.64 -17.57
C GLY B 37 15.07 -15.00 -18.75
N LEU B 38 13.78 -15.28 -18.87
CA LEU B 38 12.99 -14.79 -20.00
C LEU B 38 12.94 -13.28 -20.05
N GLY B 39 12.71 -12.64 -18.90
CA GLY B 39 12.70 -11.18 -18.81
C GLY B 39 13.99 -10.56 -19.33
N ARG B 40 15.13 -11.06 -18.86
CA ARG B 40 16.45 -10.65 -19.36
C ARG B 40 16.55 -10.82 -20.88
N ALA B 41 16.13 -11.98 -21.38
CA ALA B 41 16.15 -12.23 -22.82
C ALA B 41 15.29 -11.27 -23.65
N GLU B 42 14.09 -10.97 -23.15
CA GLU B 42 13.21 -10.01 -23.81
C GLU B 42 13.82 -8.62 -23.84
N ALA B 43 14.40 -8.20 -22.72
CA ALA B 43 15.01 -6.88 -22.65
C ALA B 43 16.14 -6.78 -23.69
N ILE B 44 16.98 -7.82 -23.75
CA ILE B 44 18.07 -7.87 -24.74
C ILE B 44 17.53 -7.89 -26.19
N GLY B 45 16.49 -8.68 -26.43
CA GLY B 45 15.86 -8.74 -27.77
C GLY B 45 15.27 -7.41 -28.23
N LEU B 46 14.63 -6.69 -27.30
CA LEU B 46 14.07 -5.37 -27.62
C LEU B 46 15.20 -4.38 -27.91
N ALA B 47 16.28 -4.48 -27.14
CA ALA B 47 17.47 -3.64 -27.39
C ALA B 47 18.11 -3.91 -28.73
N LYS B 48 18.15 -5.20 -29.13
CA LYS B 48 18.73 -5.57 -30.42
C LYS B 48 17.91 -4.99 -31.56
N ALA B 49 16.60 -4.94 -31.37
CA ALA B 49 15.69 -4.38 -32.37
C ALA B 49 15.69 -2.86 -32.38
N GLY B 50 16.34 -2.23 -31.39
CA GLY B 50 16.56 -0.79 -31.42
C GLY B 50 15.96 0.05 -30.30
N ALA B 51 15.19 -0.58 -29.40
CA ALA B 51 14.57 0.14 -28.29
C ALA B 51 15.57 0.54 -27.23
N THR B 52 15.35 1.70 -26.63
CA THR B 52 15.90 2.00 -25.30
C THR B 52 15.08 1.18 -24.28
N VAL B 53 15.77 0.51 -23.36
CA VAL B 53 15.09 -0.43 -22.45
C VAL B 53 15.28 -0.06 -20.98
N VAL B 54 14.15 0.08 -20.27
CA VAL B 54 14.17 0.25 -18.82
C VAL B 54 13.88 -1.13 -18.25
N VAL B 55 14.84 -1.67 -17.49
CA VAL B 55 14.70 -2.98 -16.86
C VAL B 55 14.36 -2.84 -15.39
N ASN B 56 13.41 -3.65 -14.94
CA ASN B 56 12.97 -3.68 -13.55
C ASN B 56 13.12 -5.08 -12.98
N ASP B 57 13.58 -5.14 -11.72
CA ASP B 57 13.56 -6.37 -10.94
C ASP B 57 13.83 -5.97 -9.52
N ILE B 58 13.87 -6.94 -8.62
CA ILE B 58 14.23 -6.72 -7.22
C ILE B 58 15.69 -6.26 -7.19
N ALA B 59 16.05 -5.39 -6.23
CA ALA B 59 17.36 -4.76 -6.23
C ALA B 59 18.53 -5.74 -6.29
N GLY B 60 18.49 -6.77 -5.44
CA GLY B 60 19.57 -7.77 -5.38
C GLY B 60 19.77 -8.45 -6.73
N ALA B 61 18.66 -8.83 -7.37
CA ALA B 61 18.68 -9.49 -8.68
C ALA B 61 19.30 -8.60 -9.76
N LEU B 62 18.92 -7.32 -9.77
CA LEU B 62 19.51 -6.36 -10.72
C LEU B 62 21.00 -6.19 -10.50
N GLU B 63 21.40 -6.08 -9.23
CA GLU B 63 22.80 -5.89 -8.87
C GLU B 63 23.72 -7.01 -9.37
N GLY B 64 23.19 -8.22 -9.45
CA GLY B 64 23.96 -9.37 -9.91
C GLY B 64 23.78 -9.69 -11.39
N SER B 65 22.98 -8.89 -12.10
CA SER B 65 22.65 -9.16 -13.50
C SER B 65 23.61 -8.50 -14.49
N ASP B 66 23.79 -9.14 -15.65
CA ASP B 66 24.52 -8.56 -16.77
C ASP B 66 23.61 -7.91 -17.81
N VAL B 67 22.33 -7.75 -17.48
CA VAL B 67 21.38 -7.28 -18.50
C VAL B 67 21.78 -5.92 -19.10
N LEU B 68 22.28 -4.98 -18.30
CA LEU B 68 22.61 -3.66 -18.84
C LEU B 68 23.83 -3.76 -19.77
N ASP B 69 24.77 -4.64 -19.44
CA ASP B 69 25.91 -4.90 -20.32
C ASP B 69 25.45 -5.42 -21.67
N GLU B 70 24.48 -6.34 -21.62
CA GLU B 70 23.97 -6.94 -22.84
C GLU B 70 23.14 -5.98 -23.67
N ILE B 71 22.38 -5.11 -23.00
CA ILE B 71 21.61 -4.09 -23.72
C ILE B 71 22.60 -3.17 -24.48
N ALA B 72 23.64 -2.71 -23.78
CA ALA B 72 24.68 -1.87 -24.42
C ALA B 72 25.39 -2.59 -25.57
N ALA B 73 25.71 -3.88 -25.40
CA ALA B 73 26.35 -4.68 -26.46
C ALA B 73 25.48 -4.78 -27.72
N ALA B 74 24.16 -4.77 -27.52
CA ALA B 74 23.21 -4.83 -28.61
C ALA B 74 23.14 -3.50 -29.35
N GLY B 75 23.70 -2.45 -28.74
CA GLY B 75 23.79 -1.14 -29.37
C GLY B 75 22.73 -0.14 -28.94
N SER B 76 22.13 -0.34 -27.76
CA SER B 76 21.08 0.54 -27.25
C SER B 76 21.31 1.04 -25.82
N LYS B 77 20.48 1.97 -25.37
CA LYS B 77 20.55 2.51 -24.01
C LYS B 77 19.70 1.66 -23.06
N GLY B 78 20.27 1.30 -21.92
CA GLY B 78 19.54 0.59 -20.89
C GLY B 78 19.59 1.34 -19.57
N VAL B 79 18.48 1.32 -18.84
CA VAL B 79 18.38 1.96 -17.51
C VAL B 79 17.71 0.98 -16.55
N ALA B 80 18.27 0.82 -15.35
CA ALA B 80 17.70 -0.09 -14.39
C ALA B 80 16.93 0.69 -13.35
N VAL B 81 15.76 0.16 -12.98
CA VAL B 81 14.93 0.67 -11.89
C VAL B 81 14.57 -0.50 -10.98
N ALA B 82 15.11 -0.48 -9.77
CA ALA B 82 14.85 -1.55 -8.82
C ALA B 82 13.50 -1.31 -8.15
N GLY B 83 12.78 -2.40 -7.87
CA GLY B 83 11.51 -2.29 -7.16
C GLY B 83 10.69 -3.55 -7.24
N ASP B 84 9.85 -3.73 -6.21
CA ASP B 84 8.83 -4.77 -6.14
C ASP B 84 7.65 -4.30 -6.98
N ILE B 85 7.42 -5.00 -8.09
CA ILE B 85 6.35 -4.61 -9.03
C ILE B 85 4.93 -4.70 -8.46
N SER B 86 4.76 -5.43 -7.36
CA SER B 86 3.45 -5.49 -6.70
C SER B 86 3.12 -4.20 -5.91
N GLN B 87 4.07 -3.26 -5.84
CA GLN B 87 3.89 -1.98 -5.14
C GLN B 87 3.63 -0.82 -6.10
N ARG B 88 2.63 0.00 -5.80
CA ARG B 88 2.30 1.15 -6.68
C ARG B 88 3.53 2.03 -7.01
N SER B 89 4.35 2.30 -6.00
CA SER B 89 5.55 3.15 -6.19
C SER B 89 6.44 2.69 -7.34
N THR B 90 6.56 1.37 -7.53
CA THR B 90 7.38 0.81 -8.61
C THR B 90 6.81 1.11 -9.98
N ALA B 91 5.52 0.81 -10.18
CA ALA B 91 4.92 1.05 -11.49
C ALA B 91 4.95 2.56 -11.81
N ASP B 92 4.83 3.40 -10.78
CA ASP B 92 4.86 4.86 -10.94
C ASP B 92 6.24 5.26 -11.43
N GLU B 93 7.26 4.68 -10.83
CA GLU B 93 8.64 5.05 -11.14
C GLU B 93 9.02 4.59 -12.55
N LEU B 94 8.56 3.41 -12.96
CA LEU B 94 8.85 2.90 -14.29
C LEU B 94 8.31 3.78 -15.39
N VAL B 95 7.05 4.19 -15.25
CA VAL B 95 6.45 5.04 -16.29
C VAL B 95 7.12 6.42 -16.28
N GLU B 96 7.41 6.95 -15.10
CA GLU B 96 8.10 8.25 -15.02
C GLU B 96 9.49 8.18 -15.66
N THR B 97 10.20 7.08 -15.43
CA THR B 97 11.55 6.90 -15.97
C THR B 97 11.47 6.83 -17.50
N ALA B 98 10.50 6.07 -18.01
CA ALA B 98 10.34 6.01 -19.45
C ALA B 98 10.00 7.39 -20.05
N GLU B 99 9.08 8.12 -19.42
CA GLU B 99 8.76 9.49 -19.85
C GLU B 99 10.00 10.38 -19.91
N GLY B 100 10.87 10.29 -18.90
CA GLY B 100 12.10 11.08 -18.84
C GLY B 100 13.04 10.74 -19.99
N LEU B 101 12.90 9.52 -20.51
CA LEU B 101 13.68 9.06 -21.66
C LEU B 101 13.08 9.38 -23.02
N GLY B 102 11.93 10.03 -23.02
CA GLY B 102 11.32 10.53 -24.25
C GLY B 102 9.91 10.03 -24.50
N GLY B 103 9.47 9.03 -23.73
CA GLY B 103 8.15 8.46 -23.92
C GLY B 103 8.07 7.01 -23.47
N LEU B 104 6.87 6.46 -23.50
CA LEU B 104 6.68 5.04 -23.21
C LEU B 104 5.99 4.43 -24.42
N ASP B 105 6.63 3.45 -25.03
CA ASP B 105 6.07 2.83 -26.22
C ASP B 105 5.66 1.37 -26.02
N ILE B 106 6.42 0.63 -25.20
CA ILE B 106 6.28 -0.83 -25.12
C ILE B 106 6.36 -1.19 -23.64
N VAL B 107 5.41 -2.01 -23.18
CA VAL B 107 5.39 -2.56 -21.81
C VAL B 107 5.38 -4.09 -21.94
N VAL B 108 6.37 -4.74 -21.30
CA VAL B 108 6.43 -6.19 -21.17
C VAL B 108 6.31 -6.56 -19.70
N ASN B 109 5.13 -7.04 -19.32
CA ASN B 109 4.90 -7.51 -17.98
C ASN B 109 5.32 -8.97 -17.94
N ASN B 110 6.43 -9.21 -17.24
CA ASN B 110 7.04 -10.56 -17.17
C ASN B 110 7.30 -11.04 -15.75
N ALA B 111 7.46 -10.11 -14.80
CA ALA B 111 7.81 -10.47 -13.43
C ALA B 111 6.89 -11.53 -12.85
N GLY B 112 7.48 -12.50 -12.16
CA GLY B 112 6.68 -13.52 -11.52
C GLY B 112 7.48 -14.41 -10.59
N ILE B 113 6.74 -15.07 -9.72
CA ILE B 113 7.28 -16.04 -8.77
CA ILE B 113 7.28 -16.02 -8.76
C ILE B 113 6.33 -17.23 -8.79
N THR B 114 6.82 -18.42 -8.44
CA THR B 114 5.89 -19.55 -8.16
C THR B 114 5.97 -19.90 -6.70
N ARG B 115 4.80 -20.31 -6.17
CA ARG B 115 4.70 -20.87 -4.84
CA ARG B 115 4.70 -20.86 -4.84
C ARG B 115 3.76 -22.06 -4.98
N ASP B 116 4.27 -23.14 -5.60
CA ASP B 116 3.43 -24.31 -5.90
C ASP B 116 3.04 -25.11 -4.67
N ARG B 117 1.76 -25.47 -4.61
CA ARG B 117 1.23 -26.35 -3.58
C ARG B 117 -0.12 -26.88 -4.05
N ILE B 118 -0.41 -28.14 -3.76
CA ILE B 118 -1.76 -28.64 -4.01
C ILE B 118 -2.77 -27.85 -3.12
N LEU B 119 -3.98 -27.62 -3.62
CA LEU B 119 -4.89 -26.65 -2.95
C LEU B 119 -5.12 -26.92 -1.47
N PHE B 120 -5.34 -28.18 -1.09
CA PHE B 120 -5.62 -28.45 0.31
C PHE B 120 -4.48 -28.18 1.28
N ASN B 121 -3.28 -27.98 0.75
CA ASN B 121 -2.10 -27.67 1.54
C ASN B 121 -1.63 -26.23 1.37
N MET B 122 -2.29 -25.44 0.52
CA MET B 122 -1.80 -24.07 0.21
C MET B 122 -2.09 -23.06 1.32
N SER B 123 -1.06 -22.29 1.71
CA SER B 123 -1.21 -21.27 2.74
C SER B 123 -1.74 -19.98 2.13
N ASP B 124 -2.31 -19.13 2.99
CA ASP B 124 -2.72 -17.79 2.54
C ASP B 124 -1.56 -17.02 1.91
N GLU B 125 -0.37 -17.09 2.53
CA GLU B 125 0.80 -16.39 2.00
C GLU B 125 1.18 -16.87 0.59
N GLU B 126 1.12 -18.19 0.36
CA GLU B 126 1.48 -18.74 -0.94
C GLU B 126 0.53 -18.27 -2.03
N TRP B 127 -0.75 -18.20 -1.71
CA TRP B 127 -1.75 -17.68 -2.64
C TRP B 127 -1.54 -16.20 -2.90
N ASP B 128 -1.46 -15.40 -1.82
CA ASP B 128 -1.42 -13.95 -1.93
C ASP B 128 -0.16 -13.47 -2.64
N ALA B 129 0.97 -14.12 -2.37
CA ALA B 129 2.24 -13.69 -2.97
C ALA B 129 2.21 -13.80 -4.48
N VAL B 130 1.67 -14.91 -4.96
CA VAL B 130 1.57 -15.15 -6.40
C VAL B 130 0.58 -14.22 -7.06
N ILE B 131 -0.61 -14.08 -6.47
CA ILE B 131 -1.56 -13.08 -6.98
C ILE B 131 -0.90 -11.68 -6.99
N ALA B 132 -0.18 -11.31 -5.95
CA ALA B 132 0.40 -9.97 -5.88
C ALA B 132 1.42 -9.69 -7.00
N VAL B 133 2.42 -10.56 -7.14
CA VAL B 133 3.50 -10.29 -8.09
CA VAL B 133 3.48 -10.25 -8.11
C VAL B 133 2.98 -10.36 -9.53
N HIS B 134 2.26 -11.43 -9.84
CA HIS B 134 1.76 -11.63 -11.20
C HIS B 134 0.60 -10.72 -11.51
N LEU B 135 -0.49 -10.91 -10.79
CA LEU B 135 -1.74 -10.21 -11.17
C LEU B 135 -1.75 -8.76 -10.77
N ARG B 136 -1.40 -8.44 -9.52
CA ARG B 136 -1.38 -7.02 -9.14
C ARG B 136 -0.25 -6.28 -9.88
N GLY B 137 0.92 -6.91 -10.03
CA GLY B 137 2.02 -6.26 -10.78
C GLY B 137 1.59 -5.96 -12.21
N HIS B 138 1.02 -6.95 -12.91
CA HIS B 138 0.51 -6.71 -14.25
C HIS B 138 -0.54 -5.58 -14.26
N PHE B 139 -1.46 -5.62 -13.31
CA PHE B 139 -2.45 -4.53 -13.22
C PHE B 139 -1.78 -3.16 -13.08
N LEU B 140 -0.92 -3.00 -12.09
CA LEU B 140 -0.39 -1.67 -11.84
C LEU B 140 0.34 -1.05 -13.03
N LEU B 141 1.20 -1.83 -13.68
CA LEU B 141 1.95 -1.28 -14.80
C LEU B 141 1.07 -1.13 -16.03
N THR B 142 0.14 -2.06 -16.24
CA THR B 142 -0.75 -1.94 -17.41
C THR B 142 -1.69 -0.73 -17.25
N ARG B 143 -2.23 -0.55 -16.04
CA ARG B 143 -3.13 0.58 -15.73
C ARG B 143 -2.35 1.91 -15.87
N ASN B 144 -1.15 1.99 -15.29
CA ASN B 144 -0.32 3.20 -15.40
C ASN B 144 -0.02 3.54 -16.85
N ALA B 145 0.33 2.50 -17.62
CA ALA B 145 0.61 2.68 -19.05
C ALA B 145 -0.61 3.16 -19.84
N ALA B 146 -1.77 2.55 -19.56
CA ALA B 146 -3.03 2.89 -20.21
C ALA B 146 -3.37 4.36 -19.91
N ALA B 147 -3.20 4.79 -18.67
CA ALA B 147 -3.47 6.18 -18.31
C ALA B 147 -2.52 7.14 -19.06
N TYR B 148 -1.25 6.74 -19.16
CA TYR B 148 -0.23 7.54 -19.83
C TYR B 148 -0.61 7.69 -21.31
N TRP B 149 -0.92 6.58 -21.97
CA TRP B 149 -1.24 6.65 -23.39
C TRP B 149 -2.51 7.47 -23.66
N ARG B 150 -3.53 7.28 -22.81
CA ARG B 150 -4.78 8.01 -22.99
C ARG B 150 -4.48 9.51 -22.93
N SER B 151 -3.72 9.91 -21.91
CA SER B 151 -3.34 11.32 -21.74
CA SER B 151 -3.34 11.32 -21.74
C SER B 151 -2.52 11.82 -22.92
N LYS B 152 -1.58 11.00 -23.39
CA LYS B 152 -0.72 11.35 -24.52
C LYS B 152 -1.55 11.53 -25.81
N ALA B 153 -2.48 10.61 -26.06
CA ALA B 153 -3.43 10.72 -27.19
C ALA B 153 -4.22 12.02 -27.15
N LYS B 154 -4.78 12.36 -25.98
CA LYS B 154 -5.52 13.61 -25.79
C LYS B 154 -4.66 14.86 -26.10
N ALA B 155 -3.40 14.82 -25.66
CA ALA B 155 -2.45 15.92 -25.86
C ALA B 155 -1.99 16.06 -27.32
N GLY B 156 -2.07 14.97 -28.08
CA GLY B 156 -1.69 14.97 -29.48
C GLY B 156 -2.90 14.99 -30.40
N ASP B 157 -2.91 14.11 -31.37
CA ASP B 157 -3.99 14.06 -32.36
C ASP B 157 -5.06 12.99 -32.09
N GLY B 158 -5.10 12.46 -30.87
CA GLY B 158 -6.05 11.40 -30.53
C GLY B 158 -5.50 10.00 -30.70
N THR B 159 -4.25 9.89 -31.15
CA THR B 159 -3.57 8.62 -31.29
C THR B 159 -2.20 8.65 -30.63
N VAL B 160 -1.69 7.46 -30.31
CA VAL B 160 -0.37 7.33 -29.73
C VAL B 160 0.16 5.93 -30.02
N TYR B 161 1.47 5.76 -30.11
CA TYR B 161 2.03 4.42 -30.24
C TYR B 161 2.06 3.74 -28.89
N GLY B 162 1.57 2.51 -28.85
CA GLY B 162 1.66 1.71 -27.62
C GLY B 162 1.50 0.23 -27.88
N ARG B 163 2.28 -0.55 -27.13
CA ARG B 163 2.23 -2.02 -27.17
C ARG B 163 2.29 -2.55 -25.74
N VAL B 164 1.36 -3.46 -25.41
CA VAL B 164 1.41 -4.21 -24.17
C VAL B 164 1.62 -5.66 -24.52
N ILE B 165 2.66 -6.25 -23.93
CA ILE B 165 2.88 -7.70 -24.01
C ILE B 165 2.83 -8.26 -22.59
N ASN B 166 1.72 -8.96 -22.29
CA ASN B 166 1.52 -9.54 -20.97
C ASN B 166 1.83 -11.03 -20.95
N THR B 167 2.20 -11.52 -19.78
CA THR B 167 2.64 -12.93 -19.68
C THR B 167 1.62 -13.77 -18.92
N SER B 168 0.89 -14.57 -19.70
CA SER B 168 0.02 -15.58 -19.14
C SER B 168 0.78 -16.91 -19.15
N SER B 169 0.05 -18.01 -19.13
CA SER B 169 0.65 -19.35 -19.11
C SER B 169 -0.40 -20.32 -19.54
N GLU B 170 0.03 -21.46 -20.08
CA GLU B 170 -0.88 -22.58 -20.31
C GLU B 170 -1.57 -22.99 -19.00
N ALA B 171 -0.96 -22.69 -17.86
CA ALA B 171 -1.60 -22.93 -16.54
C ALA B 171 -2.94 -22.16 -16.36
N GLY B 172 -3.04 -20.99 -16.96
CA GLY B 172 -4.27 -20.21 -16.89
C GLY B 172 -5.42 -20.93 -17.58
N LEU B 173 -5.05 -21.79 -18.52
CA LEU B 173 -5.99 -22.58 -19.33
C LEU B 173 -6.31 -23.95 -18.74
N SER B 174 -5.40 -24.52 -17.97
CA SER B 174 -5.48 -25.92 -17.55
C SER B 174 -5.78 -26.14 -16.06
N GLY B 175 -5.64 -25.08 -15.27
CA GLY B 175 -5.76 -25.18 -13.80
C GLY B 175 -4.97 -26.36 -13.24
N PRO B 176 -3.63 -26.27 -13.25
CA PRO B 176 -2.86 -27.41 -12.79
C PRO B 176 -3.07 -27.74 -11.33
N VAL B 177 -3.03 -29.04 -11.02
CA VAL B 177 -3.27 -29.49 -9.65
C VAL B 177 -2.24 -28.92 -8.66
N GLY B 178 -1.01 -28.65 -9.10
CA GLY B 178 0.00 -28.14 -8.16
C GLY B 178 0.12 -26.62 -8.13
N GLN B 179 -0.75 -25.95 -8.88
CA GLN B 179 -0.63 -24.50 -9.14
C GLN B 179 -1.94 -23.73 -9.12
N PRO B 180 -2.80 -23.92 -8.10
CA PRO B 180 -4.08 -23.19 -8.16
C PRO B 180 -3.84 -21.65 -8.18
N ASN B 181 -2.87 -21.20 -7.40
CA ASN B 181 -2.52 -19.77 -7.37
C ASN B 181 -1.98 -19.22 -8.70
N TYR B 182 -1.01 -19.93 -9.28
CA TYR B 182 -0.38 -19.49 -10.50
C TYR B 182 -1.37 -19.56 -11.65
N GLY B 183 -2.15 -20.65 -11.70
CA GLY B 183 -3.20 -20.75 -12.73
C GLY B 183 -4.21 -19.61 -12.64
N ALA B 184 -4.62 -19.29 -11.43
CA ALA B 184 -5.60 -18.23 -11.26
C ALA B 184 -5.00 -16.87 -11.65
N ALA B 185 -3.77 -16.60 -11.21
CA ALA B 185 -3.10 -15.34 -11.58
C ALA B 185 -2.96 -15.21 -13.08
N LYS B 186 -2.58 -16.30 -13.75
CA LYS B 186 -2.37 -16.25 -15.20
C LYS B 186 -3.67 -16.14 -16.01
N ALA B 187 -4.73 -16.79 -15.55
CA ALA B 187 -6.07 -16.62 -16.15
C ALA B 187 -6.55 -15.18 -16.00
N GLY B 188 -6.32 -14.61 -14.81
CA GLY B 188 -6.67 -13.24 -14.57
C GLY B 188 -5.93 -12.28 -15.45
N ILE B 189 -4.66 -12.59 -15.71
CA ILE B 189 -3.84 -11.74 -16.56
C ILE B 189 -4.41 -11.75 -17.99
N THR B 190 -4.86 -12.91 -18.46
CA THR B 190 -5.43 -12.95 -19.80
C THR B 190 -6.67 -12.05 -19.88
N ALA B 191 -7.57 -12.18 -18.91
CA ALA B 191 -8.76 -11.34 -18.92
C ALA B 191 -8.44 -9.85 -18.81
N LEU B 192 -7.48 -9.50 -17.94
CA LEU B 192 -7.02 -8.12 -17.83
C LEU B 192 -6.55 -7.60 -19.18
N THR B 193 -5.80 -8.44 -19.89
CA THR B 193 -5.21 -8.09 -21.18
C THR B 193 -6.29 -7.85 -22.22
N LEU B 194 -7.34 -8.68 -22.22
CA LEU B 194 -8.47 -8.49 -23.15
C LEU B 194 -9.19 -7.17 -22.86
N SER B 195 -9.38 -6.85 -21.58
CA SER B 195 -10.04 -5.59 -21.22
CA SER B 195 -10.03 -5.58 -21.20
C SER B 195 -9.16 -4.40 -21.62
N ALA B 196 -7.85 -4.50 -21.41
CA ALA B 196 -6.92 -3.43 -21.81
C ALA B 196 -6.95 -3.23 -23.33
N ALA B 197 -6.99 -4.33 -24.06
CA ALA B 197 -7.07 -4.30 -25.52
C ALA B 197 -8.32 -3.55 -25.98
N ARG B 198 -9.45 -3.79 -25.32
CA ARG B 198 -10.70 -3.10 -25.64
C ARG B 198 -10.62 -1.61 -25.33
N ALA B 199 -10.08 -1.27 -24.16
CA ALA B 199 -9.98 0.11 -23.72
C ALA B 199 -9.08 1.00 -24.56
N LEU B 200 -8.00 0.42 -25.06
CA LEU B 200 -6.93 1.20 -25.69
C LEU B 200 -6.94 1.21 -27.22
N GLU B 201 -7.75 0.34 -27.81
CA GLU B 201 -7.73 0.11 -29.26
C GLU B 201 -7.89 1.42 -30.04
N ARG B 202 -8.83 2.25 -29.61
CA ARG B 202 -9.19 3.46 -30.38
C ARG B 202 -8.10 4.53 -30.38
N PHE B 203 -7.13 4.43 -29.46
CA PHE B 203 -5.99 5.34 -29.46
C PHE B 203 -4.86 4.83 -30.36
N GLY B 204 -5.04 3.63 -30.91
CA GLY B 204 -3.99 3.00 -31.71
C GLY B 204 -3.08 2.04 -30.94
N VAL B 205 -3.38 1.84 -29.65
CA VAL B 205 -2.56 0.96 -28.83
C VAL B 205 -3.00 -0.50 -28.98
N ARG B 206 -2.07 -1.44 -28.87
CA ARG B 206 -2.43 -2.87 -28.99
C ARG B 206 -1.93 -3.64 -27.78
N ALA B 207 -2.73 -4.59 -27.31
CA ALA B 207 -2.38 -5.35 -26.12
C ALA B 207 -2.65 -6.82 -26.37
N ASN B 208 -1.68 -7.67 -26.04
CA ASN B 208 -1.77 -9.11 -26.31
C ASN B 208 -1.05 -9.88 -25.23
N ALA B 209 -1.38 -11.16 -25.08
CA ALA B 209 -0.76 -11.99 -24.04
C ALA B 209 -0.04 -13.16 -24.68
N ILE B 210 1.06 -13.54 -24.04
CA ILE B 210 1.80 -14.73 -24.44
C ILE B 210 1.75 -15.78 -23.34
N ALA B 211 1.87 -17.04 -23.74
CA ALA B 211 1.98 -18.16 -22.80
C ALA B 211 3.22 -18.96 -23.22
N PRO B 212 4.38 -18.61 -22.65
CA PRO B 212 5.67 -19.16 -23.09
C PRO B 212 6.09 -20.43 -22.34
N ARG B 213 6.99 -21.18 -22.99
CA ARG B 213 7.87 -22.14 -22.29
C ARG B 213 9.28 -21.80 -22.74
N ALA B 214 10.20 -21.73 -21.79
CA ALA B 214 11.63 -21.50 -22.08
C ALA B 214 12.48 -22.02 -20.94
N ARG B 215 13.62 -22.61 -21.32
CA ARG B 215 14.57 -23.19 -20.38
C ARG B 215 15.44 -22.08 -19.79
N THR B 216 15.38 -21.93 -18.48
CA THR B 216 16.17 -20.96 -17.75
C THR B 216 16.68 -21.61 -16.46
N ALA B 217 17.43 -20.84 -15.67
CA ALA B 217 17.84 -21.26 -14.33
C ALA B 217 16.62 -21.49 -13.43
N MET B 218 15.56 -20.71 -13.65
CA MET B 218 14.32 -20.82 -12.86
C MET B 218 13.43 -22.01 -13.26
N THR B 219 13.54 -22.50 -14.49
CA THR B 219 12.72 -23.63 -14.94
C THR B 219 13.51 -24.93 -15.17
N ALA B 220 14.79 -24.90 -14.82
CA ALA B 220 15.71 -26.04 -14.97
C ALA B 220 15.16 -27.34 -14.35
N GLY B 221 14.49 -27.22 -13.21
CA GLY B 221 13.90 -28.36 -12.51
C GLY B 221 12.74 -29.02 -13.23
N VAL B 222 12.00 -28.25 -14.01
CA VAL B 222 10.86 -28.78 -14.78
C VAL B 222 11.34 -29.37 -16.11
N PHE B 223 11.98 -28.54 -16.93
CA PHE B 223 12.50 -28.98 -18.22
C PHE B 223 13.88 -29.62 -18.04
N GLN B 233 20.51 -27.24 -33.87
CA GLN B 233 21.50 -26.23 -33.48
C GLN B 233 20.98 -25.33 -32.35
N MET B 234 19.72 -24.94 -32.42
CA MET B 234 19.11 -24.17 -31.32
C MET B 234 18.35 -25.08 -30.35
N ASP B 235 18.54 -24.82 -29.06
CA ASP B 235 17.78 -25.48 -27.99
C ASP B 235 16.27 -25.36 -28.26
N PRO B 236 15.55 -26.49 -28.32
CA PRO B 236 14.10 -26.52 -28.49
C PRO B 236 13.35 -25.60 -27.52
N LEU B 237 13.95 -25.29 -26.37
CA LEU B 237 13.31 -24.42 -25.39
C LEU B 237 14.11 -23.16 -25.09
N SER B 238 14.88 -22.71 -26.09
CA SER B 238 15.64 -21.47 -25.95
C SER B 238 14.67 -20.33 -25.72
N THR B 239 15.08 -19.36 -24.91
CA THR B 239 14.33 -18.10 -24.80
C THR B 239 14.20 -17.42 -26.17
N ASP B 240 15.14 -17.67 -27.06
CA ASP B 240 15.14 -17.07 -28.41
C ASP B 240 13.78 -17.20 -29.09
N HIS B 241 13.15 -18.37 -28.96
CA HIS B 241 11.86 -18.63 -29.59
C HIS B 241 10.75 -17.68 -29.13
N VAL B 242 10.75 -17.35 -27.83
CA VAL B 242 9.75 -16.47 -27.25
C VAL B 242 10.07 -15.01 -27.64
N VAL B 243 11.35 -14.67 -27.59
CA VAL B 243 11.79 -13.27 -27.85
C VAL B 243 11.41 -12.83 -29.27
N THR B 244 11.45 -13.76 -30.21
CA THR B 244 11.13 -13.45 -31.60
C THR B 244 9.68 -12.98 -31.67
N LEU B 245 8.77 -13.66 -30.97
CA LEU B 245 7.37 -13.23 -30.96
C LEU B 245 7.19 -11.90 -30.24
N VAL B 246 7.88 -11.72 -29.12
CA VAL B 246 7.82 -10.49 -28.37
C VAL B 246 8.29 -9.28 -29.19
N GLN B 247 9.34 -9.49 -29.98
CA GLN B 247 9.85 -8.46 -30.89
C GLN B 247 8.76 -7.99 -31.87
N PHE B 248 8.00 -8.95 -32.43
CA PHE B 248 6.89 -8.64 -33.34
C PHE B 248 5.74 -7.91 -32.62
N LEU B 249 5.31 -8.45 -31.48
CA LEU B 249 4.24 -7.84 -30.69
C LEU B 249 4.60 -6.45 -30.17
N ALA B 250 5.89 -6.11 -30.16
CA ALA B 250 6.34 -4.80 -29.67
C ALA B 250 6.42 -3.79 -30.83
N ALA B 251 6.26 -4.26 -32.06
CA ALA B 251 6.64 -3.48 -33.25
C ALA B 251 5.46 -2.94 -34.05
N PRO B 252 5.69 -1.92 -34.91
CA PRO B 252 4.66 -1.47 -35.83
C PRO B 252 4.03 -2.59 -36.66
N ALA B 253 4.83 -3.61 -36.98
CA ALA B 253 4.35 -4.78 -37.74
C ALA B 253 3.11 -5.47 -37.16
N SER B 254 2.90 -5.36 -35.85
CA SER B 254 1.78 -6.05 -35.19
C SER B 254 0.57 -5.14 -34.98
N GLU B 255 0.48 -4.05 -35.75
CA GLU B 255 -0.67 -3.13 -35.69
C GLU B 255 -2.02 -3.84 -35.79
N GLY B 256 -2.06 -4.94 -36.53
CA GLY B 256 -3.32 -5.64 -36.74
C GLY B 256 -3.65 -6.70 -35.70
N VAL B 257 -2.87 -6.75 -34.61
CA VAL B 257 -3.00 -7.82 -33.63
C VAL B 257 -3.36 -7.22 -32.29
N ASN B 258 -4.57 -7.53 -31.82
CA ASN B 258 -5.03 -6.95 -30.54
C ASN B 258 -5.97 -7.91 -29.83
N GLY B 259 -5.80 -8.03 -28.51
CA GLY B 259 -6.63 -8.92 -27.73
C GLY B 259 -6.44 -10.40 -28.04
N GLN B 260 -5.22 -10.80 -28.41
CA GLN B 260 -4.93 -12.19 -28.70
C GLN B 260 -4.10 -12.87 -27.63
N LEU B 261 -4.16 -14.20 -27.60
CA LEU B 261 -3.36 -15.04 -26.73
C LEU B 261 -2.56 -16.01 -27.57
N PHE B 262 -1.24 -15.96 -27.44
CA PHE B 262 -0.33 -16.82 -28.20
C PHE B 262 0.44 -17.76 -27.26
N ILE B 263 0.39 -19.06 -27.53
CA ILE B 263 1.29 -20.00 -26.87
C ILE B 263 2.57 -20.06 -27.71
N VAL B 264 3.73 -19.98 -27.07
CA VAL B 264 5.02 -19.98 -27.80
C VAL B 264 6.16 -20.72 -27.09
N TYR B 265 6.75 -21.68 -27.81
CA TYR B 265 8.01 -22.34 -27.46
C TYR B 265 8.52 -23.13 -28.66
N GLY B 266 9.84 -23.20 -28.80
CA GLY B 266 10.43 -23.82 -29.97
C GLY B 266 10.03 -23.04 -31.21
N PRO B 267 10.08 -23.70 -32.38
CA PRO B 267 9.80 -23.00 -33.62
C PRO B 267 8.30 -22.97 -33.99
N SER B 268 7.41 -22.88 -33.00
CA SER B 268 5.99 -22.74 -33.31
C SER B 268 5.31 -21.73 -32.42
N VAL B 269 4.32 -21.05 -33.00
CA VAL B 269 3.48 -20.10 -32.27
C VAL B 269 2.04 -20.56 -32.46
N THR B 270 1.32 -20.72 -31.36
CA THR B 270 -0.07 -21.12 -31.44
C THR B 270 -0.98 -19.97 -31.09
N LEU B 271 -1.78 -19.55 -32.07
CA LEU B 271 -2.86 -18.59 -31.79
C LEU B 271 -4.04 -19.30 -31.17
N VAL B 272 -4.36 -18.95 -29.93
CA VAL B 272 -5.45 -19.62 -29.20
C VAL B 272 -6.84 -19.09 -29.59
N ALA B 273 -7.76 -20.02 -29.87
CA ALA B 273 -9.12 -19.66 -30.17
C ALA B 273 -9.90 -19.50 -28.89
N ALA B 274 -10.82 -18.55 -28.90
CA ALA B 274 -11.75 -18.32 -27.80
C ALA B 274 -12.56 -19.57 -27.47
N PRO B 275 -12.94 -19.76 -26.20
CA PRO B 275 -13.85 -20.84 -25.83
C PRO B 275 -15.17 -20.76 -26.61
N THR B 276 -15.79 -21.92 -26.80
CA THR B 276 -17.03 -22.02 -27.55
C THR B 276 -18.01 -22.81 -26.69
N ALA B 277 -19.25 -22.95 -27.17
CA ALA B 277 -20.22 -23.81 -26.49
C ALA B 277 -19.97 -25.25 -26.87
N GLU B 278 -19.86 -26.13 -25.88
CA GLU B 278 -19.86 -27.58 -26.19
C GLU B 278 -21.26 -28.08 -26.54
N LYS B 279 -22.24 -27.68 -25.72
CA LYS B 279 -23.63 -28.17 -25.84
C LYS B 279 -24.55 -27.26 -25.06
N GLN B 280 -25.70 -26.98 -25.66
CA GLN B 280 -26.75 -26.21 -25.03
C GLN B 280 -27.95 -27.09 -24.68
N PHE B 281 -28.41 -26.97 -23.44
CA PHE B 281 -29.52 -27.75 -22.92
C PHE B 281 -30.69 -26.80 -22.66
N VAL B 282 -31.69 -26.86 -23.52
CA VAL B 282 -32.79 -25.91 -23.48
C VAL B 282 -34.09 -26.62 -23.10
N ALA B 283 -34.76 -26.11 -22.08
CA ALA B 283 -36.04 -26.69 -21.63
C ALA B 283 -37.15 -26.52 -22.69
N ASP B 284 -38.15 -27.38 -22.64
CA ASP B 284 -39.32 -27.25 -23.52
C ASP B 284 -40.19 -26.05 -23.20
N GLU B 285 -40.26 -25.71 -21.92
CA GLU B 285 -41.15 -24.67 -21.43
C GLU B 285 -40.30 -23.52 -20.93
N ASP B 286 -40.91 -22.56 -20.25
CA ASP B 286 -40.17 -21.36 -19.87
C ASP B 286 -39.17 -21.56 -18.73
N ALA B 287 -39.05 -22.78 -18.23
CA ALA B 287 -38.07 -23.08 -17.18
C ALA B 287 -37.83 -24.58 -17.07
N TRP B 288 -36.60 -24.94 -16.68
CA TRP B 288 -36.25 -26.33 -16.42
C TRP B 288 -36.89 -26.79 -15.11
N GLU B 289 -37.59 -27.93 -15.15
CA GLU B 289 -37.96 -28.64 -13.92
C GLU B 289 -36.66 -29.28 -13.37
N PRO B 290 -36.40 -29.18 -12.04
CA PRO B 290 -35.11 -29.69 -11.57
C PRO B 290 -34.82 -31.17 -11.90
N ALA B 291 -35.83 -32.04 -11.78
CA ALA B 291 -35.63 -33.45 -12.10
C ALA B 291 -35.33 -33.67 -13.59
N ASP B 292 -35.95 -32.88 -14.47
CA ASP B 292 -35.70 -32.99 -15.93
C ASP B 292 -34.28 -32.53 -16.28
N LEU B 293 -33.83 -31.44 -15.66
CA LEU B 293 -32.49 -30.96 -15.97
C LEU B 293 -31.49 -31.98 -15.46
N SER B 294 -31.74 -32.51 -14.26
CA SER B 294 -30.82 -33.51 -13.66
C SER B 294 -30.65 -34.73 -14.59
N VAL B 295 -31.77 -35.31 -15.01
CA VAL B 295 -31.74 -36.48 -15.90
C VAL B 295 -31.00 -36.14 -17.22
N THR B 296 -31.28 -34.96 -17.75
CA THR B 296 -30.66 -34.51 -18.99
C THR B 296 -29.12 -34.40 -18.89
N LEU B 297 -28.65 -33.78 -17.81
CA LEU B 297 -27.21 -33.60 -17.67
C LEU B 297 -26.55 -34.91 -17.28
N ARG B 298 -27.19 -35.70 -16.42
CA ARG B 298 -26.62 -36.98 -16.07
C ARG B 298 -26.44 -37.89 -17.27
N ASP B 299 -27.47 -37.96 -18.10
CA ASP B 299 -27.39 -38.80 -19.30
C ASP B 299 -26.28 -38.34 -20.26
N TYR B 300 -26.13 -37.03 -20.42
CA TYR B 300 -25.11 -36.51 -21.32
C TYR B 300 -23.68 -36.80 -20.81
N PHE B 301 -23.49 -36.59 -19.51
CA PHE B 301 -22.22 -36.91 -18.88
C PHE B 301 -21.87 -38.40 -18.76
N ALA B 302 -22.86 -39.27 -18.86
CA ALA B 302 -22.63 -40.70 -18.70
C ALA B 302 -21.59 -41.26 -19.65
N ASP B 303 -21.55 -40.75 -20.88
CA ASP B 303 -20.67 -41.32 -21.89
C ASP B 303 -19.61 -40.38 -22.39
N ARG B 304 -19.31 -39.42 -21.54
CA ARG B 304 -18.35 -38.38 -21.84
C ARG B 304 -16.99 -38.75 -21.27
N ASP B 305 -15.94 -38.44 -22.03
CA ASP B 305 -14.55 -38.56 -21.58
C ASP B 305 -14.32 -37.82 -20.24
N PRO B 306 -13.84 -38.54 -19.19
CA PRO B 306 -13.62 -37.94 -17.85
C PRO B 306 -12.63 -36.77 -17.79
N GLU B 307 -11.72 -36.70 -18.75
CA GLU B 307 -10.72 -35.63 -18.77
C GLU B 307 -11.22 -34.41 -19.57
N ARG B 308 -12.41 -34.54 -20.16
CA ARG B 308 -12.99 -33.47 -20.96
C ARG B 308 -13.68 -32.46 -20.06
N GLY B 309 -13.32 -31.20 -20.20
CA GLY B 309 -13.91 -30.13 -19.40
C GLY B 309 -13.40 -28.79 -19.88
N PHE B 310 -13.48 -27.77 -19.02
CA PHE B 310 -13.09 -26.45 -19.51
C PHE B 310 -11.57 -26.30 -19.58
N SER B 311 -10.83 -27.21 -18.94
CA SER B 311 -9.35 -27.22 -19.03
C SER B 311 -8.86 -27.56 -20.43
N ALA B 312 -7.98 -26.74 -20.99
CA ALA B 312 -7.46 -27.02 -22.34
C ALA B 312 -6.46 -28.18 -22.35
N ASP C 21 -31.90 -38.82 -5.96
CA ASP C 21 -30.61 -38.29 -6.51
C ASP C 21 -30.45 -36.81 -6.25
N LEU C 22 -31.56 -36.08 -6.04
CA LEU C 22 -31.51 -34.62 -5.79
C LEU C 22 -31.79 -34.23 -4.36
N ASP C 23 -32.18 -35.20 -3.55
CA ASP C 23 -32.50 -34.93 -2.15
C ASP C 23 -31.23 -34.58 -1.36
N LEU C 24 -31.21 -33.41 -0.74
CA LEU C 24 -30.08 -32.95 0.07
C LEU C 24 -30.31 -33.13 1.55
N SER C 25 -31.36 -33.88 1.93
CA SER C 25 -31.62 -34.09 3.37
C SER C 25 -30.44 -34.71 4.09
N GLY C 26 -30.15 -34.23 5.30
CA GLY C 26 -28.99 -34.67 6.08
C GLY C 26 -27.67 -34.02 5.66
N LYS C 27 -27.70 -33.14 4.65
CA LYS C 27 -26.48 -32.46 4.20
C LYS C 27 -26.42 -31.02 4.70
N VAL C 28 -25.20 -30.47 4.79
CA VAL C 28 -24.99 -29.10 5.27
C VAL C 28 -24.30 -28.30 4.16
N ALA C 29 -24.90 -27.16 3.80
CA ALA C 29 -24.35 -26.28 2.76
C ALA C 29 -23.92 -24.95 3.38
N VAL C 30 -22.87 -24.35 2.82
CA VAL C 30 -22.48 -22.97 3.15
C VAL C 30 -22.64 -22.15 1.88
N VAL C 31 -23.34 -21.02 1.97
CA VAL C 31 -23.52 -20.09 0.83
C VAL C 31 -23.03 -18.69 1.23
N THR C 32 -22.13 -18.10 0.42
CA THR C 32 -21.62 -16.73 0.75
C THR C 32 -22.40 -15.71 -0.07
N GLY C 33 -22.39 -14.45 0.38
CA GLY C 33 -23.19 -13.38 -0.25
C GLY C 33 -24.67 -13.74 -0.26
N ALA C 34 -25.10 -14.33 0.85
CA ALA C 34 -26.43 -14.95 0.90
C ALA C 34 -27.53 -14.02 1.46
N ALA C 35 -27.22 -12.77 1.83
CA ALA C 35 -28.27 -11.89 2.37
C ALA C 35 -29.30 -11.47 1.31
N ALA C 36 -28.85 -11.35 0.07
CA ALA C 36 -29.71 -10.83 -0.99
C ALA C 36 -29.40 -11.47 -2.32
N GLY C 37 -30.31 -11.24 -3.28
CA GLY C 37 -30.00 -11.53 -4.66
C GLY C 37 -29.79 -13.01 -4.92
N LEU C 38 -28.83 -13.31 -5.77
CA LEU C 38 -28.61 -14.70 -6.20
C LEU C 38 -28.20 -15.61 -5.04
N GLY C 39 -27.38 -15.12 -4.11
CA GLY C 39 -26.95 -15.94 -2.99
C GLY C 39 -28.11 -16.30 -2.06
N ARG C 40 -28.99 -15.32 -1.83
CA ARG C 40 -30.20 -15.57 -1.06
C ARG C 40 -31.03 -16.65 -1.71
N ALA C 41 -31.19 -16.54 -3.02
CA ALA C 41 -31.97 -17.49 -3.79
C ALA C 41 -31.38 -18.90 -3.77
N GLU C 42 -30.04 -18.97 -3.86
CA GLU C 42 -29.36 -20.24 -3.75
C GLU C 42 -29.56 -20.88 -2.39
N ALA C 43 -29.44 -20.09 -1.34
CA ALA C 43 -29.60 -20.60 -0.01
C ALA C 43 -31.00 -21.18 0.19
N ILE C 44 -32.00 -20.43 -0.27
CA ILE C 44 -33.41 -20.86 -0.20
C ILE C 44 -33.61 -22.14 -1.02
N GLY C 45 -33.01 -22.19 -2.21
CA GLY C 45 -33.16 -23.36 -3.09
C GLY C 45 -32.52 -24.61 -2.51
N LEU C 46 -31.35 -24.45 -1.87
CA LEU C 46 -30.71 -25.61 -1.23
C LEU C 46 -31.53 -26.09 -0.01
N ALA C 47 -32.11 -25.13 0.74
CA ALA C 47 -33.01 -25.48 1.85
C ALA C 47 -34.23 -26.25 1.35
N LYS C 48 -34.82 -25.80 0.25
CA LYS C 48 -36.01 -26.47 -0.32
C LYS C 48 -35.67 -27.89 -0.74
N ALA C 49 -34.41 -28.12 -1.15
CA ALA C 49 -34.00 -29.47 -1.57
C ALA C 49 -33.64 -30.36 -0.36
N GLY C 50 -33.63 -29.79 0.85
CA GLY C 50 -33.41 -30.59 2.06
C GLY C 50 -32.21 -30.24 2.90
N ALA C 51 -31.31 -29.39 2.39
CA ALA C 51 -30.09 -29.05 3.12
C ALA C 51 -30.33 -28.13 4.30
N THR C 52 -29.52 -28.34 5.34
CA THR C 52 -29.28 -27.31 6.39
C THR C 52 -28.32 -26.28 5.78
N VAL C 53 -28.62 -24.99 5.93
CA VAL C 53 -27.86 -23.96 5.21
C VAL C 53 -27.23 -22.96 6.18
N VAL C 54 -25.91 -22.82 6.07
CA VAL C 54 -25.17 -21.77 6.76
C VAL C 54 -25.05 -20.62 5.77
N VAL C 55 -25.57 -19.46 6.15
CA VAL C 55 -25.54 -18.29 5.25
C VAL C 55 -24.54 -17.26 5.78
N ASN C 56 -23.73 -16.76 4.86
CA ASN C 56 -22.73 -15.75 5.15
C ASN C 56 -22.98 -14.49 4.35
N ASP C 57 -22.82 -13.34 5.01
CA ASP C 57 -22.71 -12.06 4.33
C ASP C 57 -22.13 -11.09 5.30
N ILE C 58 -21.95 -9.85 4.85
CA ILE C 58 -21.58 -8.76 5.78
C ILE C 58 -22.64 -8.59 6.88
N ALA C 59 -22.23 -8.29 8.11
CA ALA C 59 -23.17 -8.25 9.23
C ALA C 59 -24.44 -7.44 9.01
N GLY C 60 -24.29 -6.22 8.54
CA GLY C 60 -25.44 -5.32 8.33
C GLY C 60 -26.45 -5.90 7.34
N ALA C 61 -25.91 -6.49 6.28
CA ALA C 61 -26.74 -7.11 5.24
C ALA C 61 -27.50 -8.31 5.77
N LEU C 62 -26.83 -9.17 6.55
CA LEU C 62 -27.51 -10.32 7.17
C LEU C 62 -28.60 -9.91 8.11
N GLU C 63 -28.32 -8.90 8.94
CA GLU C 63 -29.27 -8.42 9.93
C GLU C 63 -30.57 -7.90 9.31
N GLY C 64 -30.51 -7.36 8.10
CA GLY C 64 -31.69 -6.87 7.41
C GLY C 64 -32.32 -7.86 6.42
N SER C 65 -31.77 -9.07 6.36
CA SER C 65 -32.24 -10.07 5.40
CA SER C 65 -32.24 -10.07 5.40
C SER C 65 -33.33 -10.96 5.97
N ASP C 66 -34.19 -11.49 5.07
CA ASP C 66 -35.23 -12.45 5.41
C ASP C 66 -34.77 -13.88 5.11
N VAL C 67 -33.50 -14.04 4.77
CA VAL C 67 -33.06 -15.34 4.29
C VAL C 67 -33.31 -16.49 5.30
N LEU C 68 -33.08 -16.23 6.60
CA LEU C 68 -33.31 -17.31 7.55
C LEU C 68 -34.79 -17.64 7.66
N ASP C 69 -35.65 -16.63 7.52
CA ASP C 69 -37.09 -16.87 7.60
C ASP C 69 -37.51 -17.69 6.40
N GLU C 70 -36.85 -17.44 5.26
CA GLU C 70 -37.23 -18.17 4.05
C GLU C 70 -36.70 -19.60 4.05
N ILE C 71 -35.53 -19.80 4.64
CA ILE C 71 -34.98 -21.16 4.85
C ILE C 71 -35.95 -21.96 5.72
N ALA C 72 -36.40 -21.35 6.81
CA ALA C 72 -37.41 -21.96 7.68
C ALA C 72 -38.71 -22.30 6.96
N ALA C 73 -39.19 -21.40 6.10
CA ALA C 73 -40.41 -21.64 5.33
C ALA C 73 -40.26 -22.83 4.39
N ALA C 74 -39.04 -23.00 3.88
CA ALA C 74 -38.72 -24.10 2.97
C ALA C 74 -38.72 -25.44 3.71
N GLY C 75 -38.63 -25.38 5.03
CA GLY C 75 -38.70 -26.57 5.86
C GLY C 75 -37.36 -27.04 6.45
N SER C 76 -36.34 -26.17 6.39
CA SER C 76 -34.99 -26.58 6.82
C SER C 76 -34.42 -25.64 7.89
N LYS C 77 -33.26 -26.04 8.41
CA LYS C 77 -32.56 -25.27 9.43
C LYS C 77 -31.58 -24.31 8.75
N GLY C 78 -31.53 -23.06 9.24
CA GLY C 78 -30.55 -22.08 8.77
C GLY C 78 -29.78 -21.51 9.94
N VAL C 79 -28.51 -21.15 9.69
CA VAL C 79 -27.68 -20.50 10.69
C VAL C 79 -26.94 -19.38 9.95
N ALA C 80 -26.93 -18.17 10.51
CA ALA C 80 -26.22 -17.06 9.89
C ALA C 80 -24.87 -16.84 10.53
N VAL C 81 -23.86 -16.64 9.69
CA VAL C 81 -22.51 -16.30 10.18
C VAL C 81 -22.05 -15.04 9.47
N ALA C 82 -21.88 -13.96 10.21
CA ALA C 82 -21.46 -12.70 9.62
C ALA C 82 -19.95 -12.70 9.37
N GLY C 83 -19.53 -12.04 8.31
CA GLY C 83 -18.10 -11.77 8.10
C GLY C 83 -17.76 -11.37 6.68
N ASP C 84 -16.64 -10.68 6.55
CA ASP C 84 -16.05 -10.36 5.24
C ASP C 84 -15.35 -11.60 4.71
N ILE C 85 -15.86 -12.17 3.60
CA ILE C 85 -15.34 -13.43 3.10
C ILE C 85 -13.89 -13.30 2.58
N SER C 86 -13.41 -12.06 2.39
CA SER C 86 -12.02 -11.85 1.97
C SER C 86 -11.00 -11.97 3.15
N GLN C 87 -11.50 -12.15 4.38
CA GLN C 87 -10.67 -12.32 5.58
C GLN C 87 -10.65 -13.79 6.03
N ARG C 88 -9.47 -14.32 6.32
CA ARG C 88 -9.33 -15.72 6.71
C ARG C 88 -10.34 -16.15 7.81
N SER C 89 -10.55 -15.31 8.81
CA SER C 89 -11.42 -15.68 9.92
C SER C 89 -12.81 -16.10 9.51
N THR C 90 -13.32 -15.52 8.42
CA THR C 90 -14.69 -15.81 7.98
C THR C 90 -14.81 -17.22 7.43
N ALA C 91 -13.93 -17.60 6.50
CA ALA C 91 -13.87 -18.99 6.01
C ALA C 91 -13.62 -19.98 7.14
N ASP C 92 -12.80 -19.59 8.14
CA ASP C 92 -12.56 -20.48 9.25
C ASP C 92 -13.84 -20.71 10.06
N GLU C 93 -14.57 -19.63 10.34
CA GLU C 93 -15.79 -19.76 11.13
C GLU C 93 -16.88 -20.53 10.36
N LEU C 94 -16.94 -20.33 9.05
CA LEU C 94 -17.93 -21.05 8.28
C LEU C 94 -17.73 -22.56 8.33
N VAL C 95 -16.50 -23.01 8.15
CA VAL C 95 -16.23 -24.45 8.19
C VAL C 95 -16.50 -25.00 9.60
N GLU C 96 -16.06 -24.27 10.62
CA GLU C 96 -16.29 -24.69 12.00
C GLU C 96 -17.79 -24.82 12.29
N THR C 97 -18.58 -23.87 11.80
CA THR C 97 -20.01 -23.89 12.00
C THR C 97 -20.61 -25.11 11.34
N ALA C 98 -20.20 -25.38 10.10
CA ALA C 98 -20.73 -26.53 9.38
C ALA C 98 -20.36 -27.82 10.12
N GLU C 99 -19.12 -27.92 10.58
CA GLU C 99 -18.67 -29.08 11.36
C GLU C 99 -19.55 -29.30 12.60
N GLY C 100 -19.83 -28.23 13.33
CA GLY C 100 -20.71 -28.28 14.50
C GLY C 100 -22.13 -28.72 14.19
N LEU C 101 -22.55 -28.56 12.93
CA LEU C 101 -23.87 -28.99 12.46
C LEU C 101 -23.86 -30.41 11.88
N GLY C 102 -22.70 -31.07 11.90
CA GLY C 102 -22.60 -32.48 11.51
C GLY C 102 -21.68 -32.76 10.33
N GLY C 103 -21.17 -31.71 9.69
CA GLY C 103 -20.24 -31.88 8.60
C GLY C 103 -20.39 -30.78 7.56
N LEU C 104 -19.50 -30.78 6.59
CA LEU C 104 -19.62 -29.85 5.45
C LEU C 104 -19.78 -30.65 4.17
N ASP C 105 -20.88 -30.43 3.47
CA ASP C 105 -21.16 -31.17 2.24
C ASP C 105 -21.09 -30.34 0.98
N ILE C 106 -21.55 -29.08 1.08
CA ILE C 106 -21.74 -28.25 -0.13
C ILE C 106 -21.21 -26.87 0.13
N VAL C 107 -20.41 -26.34 -0.79
CA VAL C 107 -19.90 -24.97 -0.70
C VAL C 107 -20.33 -24.21 -1.95
N VAL C 108 -21.07 -23.11 -1.75
CA VAL C 108 -21.44 -22.19 -2.85
C VAL C 108 -20.74 -20.87 -2.59
N ASN C 109 -19.68 -20.60 -3.37
CA ASN C 109 -19.00 -19.32 -3.34
C ASN C 109 -19.71 -18.36 -4.26
N ASN C 110 -20.38 -17.38 -3.67
CA ASN C 110 -21.22 -16.43 -4.46
C ASN C 110 -20.90 -14.98 -4.17
N ALA C 111 -20.36 -14.69 -2.97
CA ALA C 111 -20.09 -13.32 -2.60
C ALA C 111 -19.30 -12.51 -3.62
N GLY C 112 -19.71 -11.26 -3.81
CA GLY C 112 -18.94 -10.38 -4.67
C GLY C 112 -19.47 -8.98 -4.69
N ILE C 113 -18.67 -8.11 -5.28
CA ILE C 113 -18.99 -6.73 -5.43
C ILE C 113 -18.55 -6.37 -6.86
N THR C 114 -19.16 -5.38 -7.49
CA THR C 114 -18.50 -4.79 -8.68
C THR C 114 -18.00 -3.41 -8.34
N ARG C 115 -16.89 -3.06 -8.99
CA ARG C 115 -16.35 -1.72 -8.90
CA ARG C 115 -16.33 -1.72 -8.91
C ARG C 115 -15.89 -1.37 -10.32
N ASP C 116 -16.88 -1.14 -11.18
CA ASP C 116 -16.59 -0.97 -12.59
C ASP C 116 -15.87 0.33 -12.91
N ARG C 117 -14.89 0.23 -13.79
CA ARG C 117 -14.23 1.39 -14.36
C ARG C 117 -13.41 0.95 -15.57
N ILE C 118 -13.38 1.78 -16.60
CA ILE C 118 -12.47 1.52 -17.70
C ILE C 118 -11.01 1.57 -17.20
N LEU C 119 -10.17 0.70 -17.76
CA LEU C 119 -8.83 0.46 -17.14
C LEU C 119 -8.03 1.74 -16.86
N PHE C 120 -8.05 2.68 -17.80
CA PHE C 120 -7.20 3.88 -17.61
C PHE C 120 -7.65 4.80 -16.49
N ASN C 121 -8.87 4.60 -16.00
CA ASN C 121 -9.40 5.35 -14.87
C ASN C 121 -9.51 4.56 -13.57
N MET C 122 -9.11 3.29 -13.57
CA MET C 122 -9.32 2.45 -12.40
C MET C 122 -8.31 2.71 -11.30
N SER C 123 -8.80 2.78 -10.06
CA SER C 123 -7.88 3.01 -8.93
C SER C 123 -7.36 1.68 -8.41
N ASP C 124 -6.27 1.77 -7.64
CA ASP C 124 -5.75 0.57 -6.97
C ASP C 124 -6.84 -0.04 -6.08
N GLU C 125 -7.58 0.80 -5.35
CA GLU C 125 -8.62 0.31 -4.45
C GLU C 125 -9.76 -0.42 -5.18
N GLU C 126 -10.16 0.09 -6.36
CA GLU C 126 -11.22 -0.55 -7.16
C GLU C 126 -10.77 -1.93 -7.63
N TRP C 127 -9.51 -2.02 -8.04
CA TRP C 127 -8.94 -3.30 -8.46
C TRP C 127 -8.85 -4.25 -7.27
N ASP C 128 -8.23 -3.79 -6.18
CA ASP C 128 -7.94 -4.67 -5.04
C ASP C 128 -9.19 -5.19 -4.38
N ALA C 129 -10.21 -4.34 -4.24
CA ALA C 129 -11.43 -4.73 -3.53
C ALA C 129 -12.13 -5.90 -4.25
N VAL C 130 -12.20 -5.80 -5.56
CA VAL C 130 -12.84 -6.83 -6.40
C VAL C 130 -12.04 -8.12 -6.36
N ILE C 131 -10.73 -8.00 -6.52
CA ILE C 131 -9.87 -9.19 -6.38
C ILE C 131 -10.03 -9.85 -4.98
N ALA C 132 -10.10 -9.04 -3.93
CA ALA C 132 -10.20 -9.60 -2.60
C ALA C 132 -11.52 -10.33 -2.39
N VAL C 133 -12.65 -9.67 -2.65
CA VAL C 133 -13.91 -10.32 -2.31
C VAL C 133 -14.18 -11.56 -3.18
N HIS C 134 -14.02 -11.40 -4.49
CA HIS C 134 -14.30 -12.50 -5.40
C HIS C 134 -13.21 -13.59 -5.34
N LEU C 135 -11.99 -13.19 -5.71
CA LEU C 135 -10.92 -14.17 -5.89
C LEU C 135 -10.33 -14.66 -4.57
N ARG C 136 -9.92 -13.77 -3.67
CA ARG C 136 -9.46 -14.25 -2.36
C ARG C 136 -10.55 -14.95 -1.56
N GLY C 137 -11.77 -14.40 -1.58
CA GLY C 137 -12.89 -15.04 -0.90
C GLY C 137 -13.12 -16.47 -1.38
N HIS C 138 -13.23 -16.62 -2.70
CA HIS C 138 -13.33 -17.95 -3.28
C HIS C 138 -12.15 -18.85 -2.86
N PHE C 139 -10.91 -18.33 -2.87
CA PHE C 139 -9.78 -19.16 -2.49
C PHE C 139 -9.93 -19.59 -1.02
N LEU C 140 -10.21 -18.64 -0.13
CA LEU C 140 -10.16 -18.98 1.29
C LEU C 140 -11.17 -20.08 1.65
N LEU C 141 -12.39 -19.94 1.16
CA LEU C 141 -13.39 -20.98 1.47
C LEU C 141 -13.18 -22.30 0.70
N THR C 142 -12.78 -22.22 -0.58
CA THR C 142 -12.48 -23.44 -1.33
C THR C 142 -11.30 -24.19 -0.73
N ARG C 143 -10.24 -23.46 -0.35
CA ARG C 143 -9.06 -24.08 0.30
C ARG C 143 -9.44 -24.71 1.65
N ASN C 144 -10.15 -23.96 2.51
CA ASN C 144 -10.60 -24.50 3.79
C ASN C 144 -11.45 -25.76 3.61
N ALA C 145 -12.34 -25.74 2.62
CA ALA C 145 -13.21 -26.89 2.36
C ALA C 145 -12.37 -28.07 1.86
N ALA C 146 -11.43 -27.78 0.95
CA ALA C 146 -10.52 -28.80 0.40
C ALA C 146 -9.75 -29.52 1.52
N ALA C 147 -9.19 -28.74 2.46
CA ALA C 147 -8.47 -29.28 3.64
C ALA C 147 -9.38 -30.13 4.54
N TYR C 148 -10.59 -29.63 4.77
CA TYR C 148 -11.58 -30.32 5.57
C TYR C 148 -11.90 -31.67 4.93
N TRP C 149 -12.22 -31.68 3.64
CA TRP C 149 -12.57 -32.93 2.96
C TRP C 149 -11.41 -33.92 2.90
N ARG C 150 -10.22 -33.43 2.61
CA ARG C 150 -9.05 -34.31 2.62
C ARG C 150 -8.88 -35.00 3.98
N SER C 151 -9.04 -34.22 5.05
CA SER C 151 -8.87 -34.72 6.40
CA SER C 151 -8.87 -34.75 6.40
C SER C 151 -9.97 -35.75 6.75
N LYS C 152 -11.19 -35.46 6.32
CA LYS C 152 -12.34 -36.32 6.59
C LYS C 152 -12.19 -37.63 5.81
N ALA C 153 -11.75 -37.55 4.55
CA ALA C 153 -11.44 -38.77 3.79
C ALA C 153 -10.36 -39.63 4.47
N LYS C 154 -9.32 -38.99 5.01
CA LYS C 154 -8.21 -39.68 5.71
C LYS C 154 -8.70 -40.39 6.98
N ALA C 155 -9.61 -39.75 7.70
CA ALA C 155 -10.21 -40.32 8.92
C ALA C 155 -11.23 -41.43 8.63
N GLY C 156 -11.76 -41.45 7.41
CA GLY C 156 -12.75 -42.45 7.01
C GLY C 156 -12.16 -43.48 6.09
N ASP C 157 -12.90 -43.81 5.03
CA ASP C 157 -12.48 -44.85 4.08
C ASP C 157 -11.77 -44.32 2.85
N GLY C 158 -11.31 -43.07 2.91
CA GLY C 158 -10.63 -42.46 1.77
C GLY C 158 -11.56 -41.71 0.84
N THR C 159 -12.86 -41.70 1.16
CA THR C 159 -13.84 -40.90 0.41
C THR C 159 -14.66 -40.02 1.37
N VAL C 160 -15.29 -39.01 0.80
CA VAL C 160 -16.14 -38.09 1.54
C VAL C 160 -17.09 -37.45 0.51
N TYR C 161 -18.30 -37.08 0.94
CA TYR C 161 -19.18 -36.31 0.06
C TYR C 161 -18.76 -34.85 0.05
N GLY C 162 -18.63 -34.30 -1.15
CA GLY C 162 -18.30 -32.87 -1.28
C GLY C 162 -18.71 -32.32 -2.62
N ARG C 163 -19.23 -31.09 -2.61
CA ARG C 163 -19.56 -30.34 -3.84
C ARG C 163 -19.11 -28.89 -3.65
N VAL C 164 -18.40 -28.38 -4.65
CA VAL C 164 -18.04 -26.95 -4.72
C VAL C 164 -18.79 -26.39 -5.90
N ILE C 165 -19.53 -25.28 -5.70
CA ILE C 165 -20.12 -24.52 -6.81
C ILE C 165 -19.55 -23.11 -6.68
N ASN C 166 -18.66 -22.76 -7.62
CA ASN C 166 -18.04 -21.46 -7.62
C ASN C 166 -18.69 -20.59 -8.68
N THR C 167 -18.60 -19.29 -8.49
CA THR C 167 -19.30 -18.33 -9.34
C THR C 167 -18.30 -17.54 -10.15
N SER C 168 -18.23 -17.89 -11.43
CA SER C 168 -17.47 -17.13 -12.41
C SER C 168 -18.47 -16.18 -13.11
N SER C 169 -18.17 -15.80 -14.35
CA SER C 169 -19.03 -14.89 -15.11
C SER C 169 -18.57 -14.98 -16.54
N GLU C 170 -19.50 -14.72 -17.44
CA GLU C 170 -19.14 -14.47 -18.84
C GLU C 170 -18.04 -13.39 -19.00
N ALA C 171 -17.93 -12.49 -18.00
CA ALA C 171 -16.86 -11.47 -18.02
C ALA C 171 -15.47 -12.10 -17.98
N GLY C 172 -15.36 -13.26 -17.36
CA GLY C 172 -14.08 -13.95 -17.27
C GLY C 172 -13.63 -14.46 -18.62
N LEU C 173 -14.61 -14.68 -19.51
CA LEU C 173 -14.35 -15.11 -20.88
C LEU C 173 -14.18 -13.97 -21.89
N SER C 174 -14.78 -12.81 -21.61
CA SER C 174 -14.86 -11.71 -22.59
CA SER C 174 -14.87 -11.71 -22.58
C SER C 174 -13.97 -10.51 -22.28
N GLY C 175 -13.56 -10.37 -21.02
CA GLY C 175 -12.76 -9.19 -20.59
C GLY C 175 -13.43 -7.86 -20.94
N PRO C 176 -14.55 -7.55 -20.29
CA PRO C 176 -15.31 -6.37 -20.67
C PRO C 176 -14.54 -5.06 -20.46
N VAL C 177 -14.80 -4.08 -21.33
CA VAL C 177 -14.04 -2.82 -21.28
C VAL C 177 -14.26 -2.11 -19.96
N GLY C 178 -15.44 -2.29 -19.34
CA GLY C 178 -15.73 -1.57 -18.11
C GLY C 178 -15.41 -2.36 -16.87
N GLN C 179 -14.88 -3.57 -17.06
CA GLN C 179 -14.73 -4.51 -15.96
C GLN C 179 -13.41 -5.25 -15.94
N PRO C 180 -12.26 -4.55 -16.04
CA PRO C 180 -11.03 -5.35 -16.07
C PRO C 180 -10.78 -6.11 -14.76
N ASN C 181 -11.14 -5.51 -13.64
CA ASN C 181 -11.05 -6.18 -12.35
C ASN C 181 -11.98 -7.38 -12.20
N TYR C 182 -13.25 -7.18 -12.51
CA TYR C 182 -14.23 -8.25 -12.36
C TYR C 182 -13.93 -9.40 -13.34
N GLY C 183 -13.58 -9.04 -14.58
CA GLY C 183 -13.18 -10.06 -15.57
C GLY C 183 -11.99 -10.89 -15.11
N ALA C 184 -10.95 -10.23 -14.56
CA ALA C 184 -9.75 -10.92 -14.08
C ALA C 184 -10.09 -11.82 -12.88
N ALA C 185 -10.90 -11.30 -11.95
CA ALA C 185 -11.29 -12.09 -10.79
C ALA C 185 -12.05 -13.35 -11.20
N LYS C 186 -12.98 -13.17 -12.14
CA LYS C 186 -13.84 -14.28 -12.58
C LYS C 186 -13.09 -15.34 -13.39
N ALA C 187 -12.14 -14.89 -14.24
CA ALA C 187 -11.24 -15.82 -14.93
C ALA C 187 -10.38 -16.59 -13.94
N GLY C 188 -9.89 -15.89 -12.91
CA GLY C 188 -9.09 -16.55 -11.89
C GLY C 188 -9.89 -17.59 -11.14
N ILE C 189 -11.14 -17.27 -10.84
CA ILE C 189 -12.04 -18.23 -10.17
C ILE C 189 -12.23 -19.50 -11.01
N THR C 190 -12.35 -19.36 -12.32
CA THR C 190 -12.50 -20.56 -13.12
C THR C 190 -11.26 -21.46 -13.04
N ALA C 191 -10.08 -20.86 -13.16
CA ALA C 191 -8.82 -21.64 -13.05
C ALA C 191 -8.66 -22.30 -11.67
N LEU C 192 -8.94 -21.53 -10.61
CA LEU C 192 -8.97 -22.09 -9.24
C LEU C 192 -9.89 -23.30 -9.14
N THR C 193 -11.07 -23.18 -9.75
CA THR C 193 -12.08 -24.24 -9.69
C THR C 193 -11.61 -25.52 -10.37
N LEU C 194 -10.99 -25.34 -11.53
CA LEU C 194 -10.37 -26.45 -12.28
C LEU C 194 -9.27 -27.13 -11.46
N SER C 195 -8.42 -26.35 -10.78
CA SER C 195 -7.38 -26.93 -9.94
CA SER C 195 -7.37 -26.93 -9.93
CA SER C 195 -7.38 -26.95 -9.95
C SER C 195 -7.98 -27.70 -8.76
N ALA C 196 -9.03 -27.14 -8.15
CA ALA C 196 -9.72 -27.79 -7.02
C ALA C 196 -10.32 -29.11 -7.47
N ALA C 197 -10.91 -29.09 -8.68
CA ALA C 197 -11.53 -30.31 -9.22
C ALA C 197 -10.48 -31.41 -9.37
N ARG C 198 -9.29 -31.04 -9.85
CA ARG C 198 -8.20 -32.01 -9.98
C ARG C 198 -7.75 -32.57 -8.64
N ALA C 199 -7.62 -31.68 -7.66
CA ALA C 199 -7.06 -32.05 -6.36
C ALA C 199 -7.99 -32.96 -5.55
N LEU C 200 -9.30 -32.79 -5.74
CA LEU C 200 -10.25 -33.40 -4.83
C LEU C 200 -10.98 -34.60 -5.43
N GLU C 201 -10.84 -34.81 -6.74
CA GLU C 201 -11.65 -35.82 -7.44
CA GLU C 201 -11.61 -35.82 -7.48
C GLU C 201 -11.51 -37.20 -6.80
N ARG C 202 -10.29 -37.58 -6.45
CA ARG C 202 -10.04 -38.92 -5.93
C ARG C 202 -10.73 -39.23 -4.61
N PHE C 203 -11.15 -38.18 -3.88
CA PHE C 203 -11.90 -38.38 -2.63
C PHE C 203 -13.41 -38.49 -2.87
N GLY C 204 -13.85 -38.27 -4.10
CA GLY C 204 -15.26 -38.28 -4.46
C GLY C 204 -15.87 -36.90 -4.56
N VAL C 205 -15.07 -35.88 -4.28
CA VAL C 205 -15.56 -34.48 -4.30
C VAL C 205 -15.63 -33.97 -5.74
N ARG C 206 -16.57 -33.07 -6.03
CA ARG C 206 -16.72 -32.53 -7.38
C ARG C 206 -16.79 -31.02 -7.25
N ALA C 207 -16.11 -30.33 -8.16
CA ALA C 207 -16.06 -28.87 -8.15
C ALA C 207 -16.32 -28.34 -9.54
N ASN C 208 -17.27 -27.38 -9.66
CA ASN C 208 -17.63 -26.84 -10.97
C ASN C 208 -17.91 -25.37 -10.81
N ALA C 209 -17.90 -24.64 -11.91
CA ALA C 209 -18.18 -23.23 -11.89
C ALA C 209 -19.40 -22.88 -12.74
N ILE C 210 -20.13 -21.86 -12.29
CA ILE C 210 -21.26 -21.34 -13.05
C ILE C 210 -20.98 -19.89 -13.47
N ALA C 211 -21.55 -19.50 -14.61
CA ALA C 211 -21.49 -18.12 -15.07
C ALA C 211 -22.95 -17.67 -15.27
N PRO C 212 -23.53 -17.08 -14.23
CA PRO C 212 -24.98 -16.85 -14.30
C PRO C 212 -25.36 -15.47 -14.81
N ARG C 213 -26.62 -15.33 -15.21
CA ARG C 213 -27.26 -14.01 -15.34
C ARG C 213 -28.59 -14.11 -14.59
N ALA C 214 -28.85 -13.17 -13.67
CA ALA C 214 -30.15 -13.14 -13.00
C ALA C 214 -30.51 -11.74 -12.57
N ARG C 215 -31.79 -11.43 -12.63
CA ARG C 215 -32.30 -10.10 -12.28
C ARG C 215 -32.45 -9.99 -10.78
N THR C 216 -31.72 -9.05 -10.19
CA THR C 216 -31.72 -8.79 -8.75
C THR C 216 -31.69 -7.28 -8.56
N ALA C 217 -31.90 -6.80 -7.34
CA ALA C 217 -31.71 -5.37 -7.05
C ALA C 217 -30.33 -4.90 -7.51
N MET C 218 -29.31 -5.73 -7.31
CA MET C 218 -27.94 -5.43 -7.71
C MET C 218 -27.72 -5.40 -9.22
N THR C 219 -28.52 -6.14 -9.98
CA THR C 219 -28.34 -6.14 -11.44
C THR C 219 -29.46 -5.41 -12.20
N ALA C 220 -30.35 -4.75 -11.46
CA ALA C 220 -31.46 -3.98 -12.06
C ALA C 220 -30.98 -2.86 -12.99
N GLY C 221 -29.82 -2.27 -12.67
CA GLY C 221 -29.19 -1.28 -13.54
C GLY C 221 -28.78 -1.87 -14.89
N VAL C 222 -28.33 -3.12 -14.87
CA VAL C 222 -27.84 -3.82 -16.06
C VAL C 222 -28.96 -4.46 -16.87
N PHE C 223 -29.95 -5.03 -16.19
CA PHE C 223 -31.01 -5.79 -16.86
C PHE C 223 -32.34 -5.05 -16.92
N GLY C 224 -32.50 -4.02 -16.08
CA GLY C 224 -33.75 -3.27 -16.00
C GLY C 224 -34.79 -3.98 -15.15
N ASP C 225 -35.99 -3.40 -15.12
CA ASP C 225 -37.12 -3.97 -14.38
C ASP C 225 -37.64 -5.24 -15.05
N ALA C 226 -38.34 -6.06 -14.27
CA ALA C 226 -38.94 -7.29 -14.76
C ALA C 226 -40.05 -6.97 -15.77
N PRO C 227 -40.24 -7.83 -16.80
CA PRO C 227 -41.37 -7.65 -17.72
C PRO C 227 -42.68 -8.06 -17.05
N GLU C 228 -43.80 -7.53 -17.54
CA GLU C 228 -45.12 -7.96 -17.08
C GLU C 228 -45.29 -9.44 -17.44
N LEU C 229 -45.84 -10.21 -16.50
CA LEU C 229 -45.95 -11.66 -16.66
C LEU C 229 -47.31 -12.21 -16.26
N ALA C 230 -47.86 -13.08 -17.10
CA ALA C 230 -49.15 -13.74 -16.86
C ALA C 230 -49.05 -14.78 -15.75
N GLY C 232 -48.71 -17.86 -14.73
CA GLY C 232 -47.63 -18.77 -14.34
C GLY C 232 -46.34 -18.58 -15.12
N GLN C 233 -46.20 -17.43 -15.78
CA GLN C 233 -45.01 -17.11 -16.58
C GLN C 233 -43.81 -16.76 -15.70
N MET C 234 -42.68 -17.41 -15.95
CA MET C 234 -41.44 -17.05 -15.25
C MET C 234 -40.65 -15.97 -15.99
N ASP C 235 -40.17 -15.00 -15.23
CA ASP C 235 -39.22 -14.01 -15.70
C ASP C 235 -38.05 -14.75 -16.37
N PRO C 236 -37.71 -14.37 -17.63
CA PRO C 236 -36.56 -14.99 -18.32
C PRO C 236 -35.23 -14.84 -17.58
N LEU C 237 -35.14 -13.90 -16.64
CA LEU C 237 -33.92 -13.72 -15.86
C LEU C 237 -34.15 -13.99 -14.37
N SER C 238 -35.17 -14.78 -14.06
CA SER C 238 -35.40 -15.17 -12.68
C SER C 238 -34.18 -15.85 -12.08
N THR C 239 -33.91 -15.58 -10.81
CA THR C 239 -32.88 -16.36 -10.12
C THR C 239 -33.22 -17.86 -10.12
N ASP C 240 -34.50 -18.22 -10.30
CA ASP C 240 -34.91 -19.64 -10.28
C ASP C 240 -34.11 -20.47 -11.31
N HIS C 241 -33.86 -19.90 -12.48
CA HIS C 241 -33.13 -20.58 -13.54
C HIS C 241 -31.72 -21.03 -13.11
N VAL C 242 -31.06 -20.20 -12.31
CA VAL C 242 -29.70 -20.49 -11.86
C VAL C 242 -29.76 -21.49 -10.72
N VAL C 243 -30.72 -21.28 -9.83
CA VAL C 243 -30.85 -22.12 -8.64
C VAL C 243 -31.08 -23.57 -9.05
N THR C 244 -31.87 -23.80 -10.10
CA THR C 244 -32.13 -25.17 -10.52
C THR C 244 -30.85 -25.91 -10.87
N LEU C 245 -29.92 -25.23 -11.53
CA LEU C 245 -28.62 -25.88 -11.83
C LEU C 245 -27.77 -26.06 -10.56
N VAL C 246 -27.77 -25.06 -9.71
CA VAL C 246 -27.03 -25.11 -8.45
C VAL C 246 -27.51 -26.33 -7.63
N GLN C 247 -28.83 -26.55 -7.58
CA GLN C 247 -29.36 -27.73 -6.84
C GLN C 247 -28.82 -29.05 -7.39
N PHE C 248 -28.70 -29.16 -8.71
CA PHE C 248 -28.10 -30.33 -9.36
C PHE C 248 -26.61 -30.49 -9.02
N LEU C 249 -25.86 -29.39 -9.14
CA LEU C 249 -24.43 -29.39 -8.88
C LEU C 249 -24.11 -29.60 -7.38
N ALA C 250 -25.12 -29.40 -6.52
CA ALA C 250 -24.95 -29.67 -5.09
C ALA C 250 -25.28 -31.12 -4.67
N ALA C 251 -25.80 -31.91 -5.62
CA ALA C 251 -26.54 -33.16 -5.32
C ALA C 251 -25.77 -34.39 -5.76
N PRO C 252 -26.11 -35.56 -5.19
CA PRO C 252 -25.50 -36.81 -5.66
C PRO C 252 -25.66 -37.02 -7.17
N ALA C 253 -26.74 -36.46 -7.76
CA ALA C 253 -27.03 -36.62 -9.20
C ALA C 253 -25.87 -36.17 -10.11
N SER C 254 -25.09 -35.21 -9.61
CA SER C 254 -24.00 -34.59 -10.38
C SER C 254 -22.65 -35.28 -10.18
N GLU C 255 -22.65 -36.51 -9.68
CA GLU C 255 -21.40 -37.27 -9.44
CA GLU C 255 -21.41 -37.26 -9.44
C GLU C 255 -20.49 -37.32 -10.66
N GLY C 256 -21.08 -37.33 -11.86
CA GLY C 256 -20.29 -37.44 -13.09
C GLY C 256 -19.78 -36.11 -13.65
N VAL C 257 -19.99 -35.02 -12.92
CA VAL C 257 -19.70 -33.68 -13.40
C VAL C 257 -18.62 -33.05 -12.54
N ASN C 258 -17.44 -32.83 -13.14
CA ASN C 258 -16.30 -32.28 -12.39
C ASN C 258 -15.43 -31.45 -13.30
N GLY C 259 -14.98 -30.31 -12.81
CA GLY C 259 -14.11 -29.42 -13.58
C GLY C 259 -14.77 -28.77 -14.80
N GLN C 260 -16.08 -28.52 -14.71
CA GLN C 260 -16.81 -27.90 -15.80
C GLN C 260 -17.17 -26.46 -15.51
N LEU C 261 -17.45 -25.73 -16.59
CA LEU C 261 -17.94 -24.36 -16.53
C LEU C 261 -19.27 -24.33 -17.29
N PHE C 262 -20.33 -23.85 -16.60
CA PHE C 262 -21.67 -23.77 -17.23
C PHE C 262 -22.15 -22.32 -17.25
N ILE C 263 -22.60 -21.85 -18.40
CA ILE C 263 -23.31 -20.59 -18.47
C ILE C 263 -24.80 -20.89 -18.25
N VAL C 264 -25.44 -20.09 -17.40
CA VAL C 264 -26.85 -20.35 -17.08
C VAL C 264 -27.71 -19.10 -16.89
N TYR C 265 -28.78 -19.01 -17.67
CA TYR C 265 -29.84 -17.98 -17.47
C TYR C 265 -31.02 -18.31 -18.35
N GLY C 266 -32.21 -17.99 -17.86
CA GLY C 266 -33.40 -18.45 -18.56
C GLY C 266 -33.45 -19.98 -18.57
N PRO C 267 -34.26 -20.53 -19.47
CA PRO C 267 -34.43 -21.98 -19.50
C PRO C 267 -33.32 -22.67 -20.30
N SER C 268 -32.12 -22.13 -20.24
CA SER C 268 -30.99 -22.66 -20.99
C SER C 268 -29.76 -22.85 -20.14
N VAL C 269 -29.05 -23.96 -20.32
CA VAL C 269 -27.77 -24.18 -19.64
C VAL C 269 -26.78 -24.51 -20.75
N THR C 270 -25.68 -23.77 -20.81
CA THR C 270 -24.63 -24.01 -21.80
C THR C 270 -23.35 -24.54 -21.14
N LEU C 271 -22.91 -25.70 -21.60
CA LEU C 271 -21.65 -26.29 -21.13
C LEU C 271 -20.57 -25.71 -22.03
N VAL C 272 -19.57 -25.09 -21.43
CA VAL C 272 -18.52 -24.39 -22.19
C VAL C 272 -17.40 -25.34 -22.57
N ALA C 273 -17.01 -25.32 -23.86
CA ALA C 273 -15.89 -26.15 -24.32
C ALA C 273 -14.57 -25.48 -23.99
N ALA C 274 -13.53 -26.29 -23.74
CA ALA C 274 -12.18 -25.76 -23.50
C ALA C 274 -11.66 -24.96 -24.70
N PRO C 275 -10.82 -23.93 -24.46
CA PRO C 275 -10.19 -23.27 -25.61
C PRO C 275 -9.36 -24.27 -26.40
N THR C 276 -9.22 -24.03 -27.69
CA THR C 276 -8.40 -24.88 -28.54
C THR C 276 -7.49 -23.99 -29.37
N ALA C 277 -6.71 -24.61 -30.25
CA ALA C 277 -5.79 -23.89 -31.12
C ALA C 277 -6.53 -23.35 -32.35
N GLU C 278 -6.52 -22.05 -32.56
CA GLU C 278 -7.01 -21.52 -33.84
C GLU C 278 -6.07 -21.85 -34.98
N LYS C 279 -4.77 -21.57 -34.80
CA LYS C 279 -3.77 -21.78 -35.85
C LYS C 279 -2.39 -21.98 -35.24
N GLN C 280 -1.63 -22.94 -35.76
CA GLN C 280 -0.23 -23.12 -35.37
C GLN C 280 0.71 -22.69 -36.49
N PHE C 281 1.59 -21.75 -36.18
CA PHE C 281 2.56 -21.25 -37.15
C PHE C 281 3.94 -21.86 -36.90
N VAL C 282 4.34 -22.80 -37.76
CA VAL C 282 5.58 -23.57 -37.54
C VAL C 282 6.65 -23.13 -38.53
N ALA C 283 7.84 -22.78 -38.02
CA ALA C 283 8.99 -22.43 -38.86
C ALA C 283 9.41 -23.62 -39.74
N ASP C 284 10.20 -23.32 -40.76
CA ASP C 284 10.75 -24.37 -41.62
C ASP C 284 12.02 -25.01 -41.03
N GLU C 285 12.77 -24.22 -40.27
CA GLU C 285 14.00 -24.71 -39.61
C GLU C 285 13.80 -24.78 -38.10
N ASP C 286 14.90 -24.78 -37.33
CA ASP C 286 14.79 -25.00 -35.89
C ASP C 286 14.40 -23.72 -35.13
N ALA C 287 14.14 -22.64 -35.87
CA ALA C 287 13.78 -21.34 -35.28
C ALA C 287 13.10 -20.45 -36.31
N TRP C 288 12.17 -19.62 -35.86
CA TRP C 288 11.59 -18.57 -36.71
C TRP C 288 12.58 -17.43 -36.91
N GLU C 289 12.80 -17.05 -38.16
CA GLU C 289 13.46 -15.78 -38.45
C GLU C 289 12.48 -14.65 -38.16
N PRO C 290 12.91 -13.63 -37.40
CA PRO C 290 11.97 -12.56 -37.03
C PRO C 290 11.25 -11.97 -38.23
N ALA C 291 11.98 -11.77 -39.33
CA ALA C 291 11.37 -11.25 -40.55
C ALA C 291 10.28 -12.18 -41.07
N ASP C 292 10.58 -13.49 -41.11
CA ASP C 292 9.62 -14.49 -41.60
C ASP C 292 8.36 -14.58 -40.73
N LEU C 293 8.53 -14.60 -39.41
CA LEU C 293 7.36 -14.69 -38.53
C LEU C 293 6.48 -13.45 -38.66
N SER C 294 7.13 -12.28 -38.77
CA SER C 294 6.44 -11.01 -38.89
C SER C 294 5.54 -10.99 -40.13
N VAL C 295 6.12 -11.29 -41.28
CA VAL C 295 5.36 -11.38 -42.52
C VAL C 295 4.22 -12.39 -42.38
N THR C 296 4.52 -13.56 -41.84
CA THR C 296 3.53 -14.65 -41.67
C THR C 296 2.35 -14.22 -40.79
N LEU C 297 2.65 -13.60 -39.65
CA LEU C 297 1.59 -13.16 -38.76
C LEU C 297 0.86 -11.93 -39.29
N ARG C 298 1.59 -10.96 -39.84
CA ARG C 298 0.98 -9.78 -40.39
C ARG C 298 0.01 -10.15 -41.54
N ASP C 299 0.39 -11.09 -42.40
CA ASP C 299 -0.50 -11.53 -43.48
C ASP C 299 -1.74 -12.24 -42.93
N TYR C 300 -1.54 -13.12 -41.97
CA TYR C 300 -2.63 -13.86 -41.35
C TYR C 300 -3.68 -12.94 -40.71
N PHE C 301 -3.22 -11.87 -40.06
CA PHE C 301 -4.12 -10.91 -39.41
C PHE C 301 -4.69 -9.84 -40.35
N ALA C 302 -4.11 -9.71 -41.54
CA ALA C 302 -4.49 -8.67 -42.50
C ALA C 302 -6.00 -8.51 -42.73
N ASP C 303 -6.68 -9.59 -43.07
CA ASP C 303 -8.11 -9.52 -43.37
C ASP C 303 -9.02 -9.99 -42.22
N ARG C 304 -8.50 -9.96 -41.00
CA ARG C 304 -9.20 -10.54 -39.86
C ARG C 304 -10.26 -9.61 -39.23
N ASP C 305 -11.39 -10.23 -38.86
CA ASP C 305 -12.43 -9.61 -38.04
C ASP C 305 -11.82 -9.12 -36.72
N PRO C 306 -11.91 -7.80 -36.43
CA PRO C 306 -11.33 -7.23 -35.19
C PRO C 306 -11.97 -7.73 -33.89
N GLU C 307 -13.16 -8.32 -33.98
CA GLU C 307 -13.82 -8.93 -32.83
C GLU C 307 -13.26 -10.32 -32.52
N ARG C 308 -12.59 -10.91 -33.51
CA ARG C 308 -12.08 -12.28 -33.39
C ARG C 308 -10.74 -12.36 -32.63
N GLY C 309 -10.77 -13.04 -31.50
CA GLY C 309 -9.59 -13.20 -30.66
C GLY C 309 -9.85 -14.20 -29.56
N PHE C 310 -9.15 -14.06 -28.43
CA PHE C 310 -9.33 -15.03 -27.35
C PHE C 310 -10.59 -14.75 -26.53
N SER C 311 -11.17 -13.56 -26.68
CA SER C 311 -12.46 -13.24 -26.04
C SER C 311 -13.58 -14.10 -26.59
N ALA C 312 -14.34 -14.72 -25.69
CA ALA C 312 -15.55 -15.47 -26.10
C ALA C 312 -16.76 -14.60 -25.70
N THR C 313 -17.71 -14.43 -26.62
CA THR C 313 -18.89 -13.58 -26.35
C THR C 313 -20.21 -14.27 -26.66
N ALA C 314 -21.23 -13.98 -25.84
CA ALA C 314 -22.61 -14.43 -26.06
C ALA C 314 -22.73 -15.88 -26.55
N LEU C 315 -22.14 -16.79 -25.77
CA LEU C 315 -22.06 -18.21 -26.14
C LEU C 315 -23.41 -18.94 -26.04
N MET C 316 -24.36 -18.38 -25.29
CA MET C 316 -25.70 -18.94 -25.18
C MET C 316 -26.58 -18.48 -26.34
N ASP D 21 -13.08 -7.67 25.68
CA ASP D 21 -13.53 -6.81 24.55
C ASP D 21 -14.26 -5.58 25.04
N LEU D 22 -14.20 -4.50 24.25
CA LEU D 22 -14.42 -3.09 24.67
C LEU D 22 -14.60 -2.73 26.15
N ASP D 23 -14.97 -3.70 26.99
CA ASP D 23 -15.22 -3.42 28.41
C ASP D 23 -13.92 -3.02 29.13
N LEU D 24 -13.91 -1.83 29.74
CA LEU D 24 -12.75 -1.35 30.49
C LEU D 24 -12.93 -1.43 31.98
N SER D 25 -13.96 -2.15 32.43
CA SER D 25 -14.18 -2.34 33.87
C SER D 25 -12.93 -2.91 34.54
N GLY D 26 -12.57 -2.34 35.70
CA GLY D 26 -11.40 -2.82 36.42
C GLY D 26 -10.08 -2.17 35.99
N LYS D 27 -10.15 -1.28 35.00
CA LYS D 27 -8.94 -0.66 34.45
C LYS D 27 -8.89 0.80 34.86
N VAL D 28 -7.68 1.36 34.87
CA VAL D 28 -7.46 2.74 35.26
C VAL D 28 -6.81 3.48 34.07
N ALA D 29 -7.43 4.59 33.67
CA ALA D 29 -6.90 5.44 32.61
C ALA D 29 -6.49 6.81 33.14
N VAL D 30 -5.50 7.38 32.48
CA VAL D 30 -5.07 8.77 32.74
C VAL D 30 -5.25 9.53 31.44
N VAL D 31 -5.95 10.67 31.52
CA VAL D 31 -6.18 11.54 30.34
C VAL D 31 -5.69 12.95 30.62
N THR D 32 -4.86 13.49 29.72
CA THR D 32 -4.34 14.86 29.99
C THR D 32 -5.10 15.86 29.12
N GLY D 33 -5.07 17.13 29.52
CA GLY D 33 -5.88 18.16 28.85
C GLY D 33 -7.37 17.84 28.96
N ALA D 34 -7.77 17.33 30.12
CA ALA D 34 -9.12 16.73 30.26
C ALA D 34 -10.21 17.65 30.78
N ALA D 35 -9.87 18.92 31.06
CA ALA D 35 -10.89 19.86 31.58
C ALA D 35 -11.97 20.19 30.58
N ALA D 36 -11.60 20.20 29.29
CA ALA D 36 -12.49 20.71 28.25
C ALA D 36 -12.24 19.99 26.94
N GLY D 37 -13.16 20.21 26.02
CA GLY D 37 -12.99 19.79 24.63
C GLY D 37 -12.72 18.32 24.45
N LEU D 38 -11.74 17.98 23.61
CA LEU D 38 -11.50 16.59 23.24
C LEU D 38 -11.09 15.73 24.41
N GLY D 39 -10.23 16.28 25.27
CA GLY D 39 -9.76 15.52 26.43
C GLY D 39 -10.88 15.20 27.39
N ARG D 40 -11.75 16.18 27.62
CA ARG D 40 -12.94 15.97 28.45
C ARG D 40 -13.76 14.85 27.86
N ALA D 41 -14.00 14.93 26.56
CA ALA D 41 -14.79 13.92 25.88
C ALA D 41 -14.20 12.50 25.97
N GLU D 42 -12.89 12.41 25.79
CA GLU D 42 -12.18 11.14 25.95
C GLU D 42 -12.28 10.58 27.36
N ALA D 43 -12.09 11.43 28.35
CA ALA D 43 -12.24 10.98 29.74
C ALA D 43 -13.65 10.42 30.00
N ILE D 44 -14.68 11.15 29.56
CA ILE D 44 -16.07 10.69 29.71
C ILE D 44 -16.29 9.37 28.95
N GLY D 45 -15.75 9.27 27.74
CA GLY D 45 -15.89 8.06 26.93
C GLY D 45 -15.26 6.82 27.56
N LEU D 46 -14.07 6.98 28.15
CA LEU D 46 -13.40 5.86 28.84
C LEU D 46 -14.20 5.47 30.10
N ALA D 47 -14.75 6.47 30.79
CA ALA D 47 -15.63 6.19 31.95
C ALA D 47 -16.88 5.41 31.55
N LYS D 48 -17.48 5.80 30.42
CA LYS D 48 -18.67 5.10 29.90
C LYS D 48 -18.36 3.63 29.59
N ALA D 49 -17.14 3.38 29.13
CA ALA D 49 -16.73 2.02 28.80
C ALA D 49 -16.32 1.22 30.02
N GLY D 50 -16.30 1.86 31.20
CA GLY D 50 -16.01 1.13 32.44
C GLY D 50 -14.75 1.50 33.23
N ALA D 51 -13.88 2.31 32.65
CA ALA D 51 -12.64 2.69 33.32
C ALA D 51 -12.81 3.66 34.50
N THR D 52 -11.94 3.52 35.49
CA THR D 52 -11.69 4.59 36.45
C THR D 52 -10.77 5.56 35.74
N VAL D 53 -11.05 6.86 35.86
CA VAL D 53 -10.34 7.88 35.06
C VAL D 53 -9.67 8.92 35.94
N VAL D 54 -8.36 9.05 35.75
CA VAL D 54 -7.60 10.13 36.39
C VAL D 54 -7.52 11.24 35.36
N VAL D 55 -8.12 12.42 35.68
CA VAL D 55 -8.07 13.56 34.75
C VAL D 55 -7.06 14.61 35.15
N ASN D 56 -6.30 15.07 34.16
CA ASN D 56 -5.27 16.06 34.37
C ASN D 56 -5.54 17.26 33.49
N ASP D 57 -5.37 18.44 34.07
CA ASP D 57 -5.27 19.69 33.32
C ASP D 57 -4.67 20.73 34.24
N ILE D 58 -4.51 21.94 33.73
CA ILE D 58 -4.08 23.09 34.56
CA ILE D 58 -4.05 23.05 34.58
C ILE D 58 -5.07 23.34 35.69
N ALA D 59 -4.59 23.77 36.86
CA ALA D 59 -5.45 23.89 38.05
C ALA D 59 -6.78 24.64 37.86
N GLY D 60 -6.69 25.86 37.33
CA GLY D 60 -7.87 26.70 37.11
C GLY D 60 -8.87 26.04 36.18
N ALA D 61 -8.38 25.42 35.13
CA ALA D 61 -9.26 24.75 34.18
C ALA D 61 -9.98 23.57 34.80
N LEU D 62 -9.27 22.76 35.57
CA LEU D 62 -9.91 21.62 36.23
C LEU D 62 -10.94 22.08 37.26
N GLU D 63 -10.59 23.13 38.02
CA GLU D 63 -11.48 23.65 39.06
C GLU D 63 -12.83 24.08 38.49
N GLY D 64 -12.83 24.57 37.26
CA GLY D 64 -14.07 25.02 36.62
C GLY D 64 -14.79 23.99 35.78
N SER D 65 -14.23 22.79 35.68
CA SER D 65 -14.74 21.79 34.74
C SER D 65 -15.83 20.91 35.37
N ASP D 66 -16.72 20.37 34.53
CA ASP D 66 -17.72 19.39 34.96
C ASP D 66 -17.28 17.96 34.70
N VAL D 67 -16.02 17.77 34.30
CA VAL D 67 -15.59 16.43 33.89
C VAL D 67 -15.80 15.37 34.99
N LEU D 68 -15.52 15.69 36.25
CA LEU D 68 -15.72 14.69 37.30
C LEU D 68 -17.19 14.32 37.49
N ASP D 69 -18.07 15.30 37.30
CA ASP D 69 -19.50 15.02 37.43
C ASP D 69 -19.95 14.17 36.28
N GLU D 70 -19.34 14.39 35.11
CA GLU D 70 -19.72 13.60 33.94
C GLU D 70 -19.19 12.18 34.05
N ILE D 71 -18.00 12.03 34.63
CA ILE D 71 -17.46 10.68 34.87
C ILE D 71 -18.37 9.91 35.84
N ALA D 72 -18.73 10.57 36.95
CA ALA D 72 -19.69 10.01 37.93
C ALA D 72 -21.02 9.62 37.31
N ALA D 73 -21.51 10.45 36.38
CA ALA D 73 -22.76 10.17 35.68
C ALA D 73 -22.67 8.96 34.74
N ALA D 74 -21.51 8.77 34.11
CA ALA D 74 -21.25 7.61 33.25
C ALA D 74 -21.16 6.32 34.05
N GLY D 75 -21.06 6.45 35.37
CA GLY D 75 -21.12 5.30 36.27
C GLY D 75 -19.77 4.84 36.81
N SER D 76 -18.75 5.70 36.67
CA SER D 76 -17.38 5.35 37.10
C SER D 76 -16.77 6.33 38.08
N LYS D 77 -15.58 5.96 38.56
CA LYS D 77 -14.85 6.75 39.54
C LYS D 77 -13.91 7.70 38.77
N GLY D 78 -13.88 8.96 39.18
CA GLY D 78 -12.93 9.91 38.62
C GLY D 78 -12.12 10.57 39.72
N VAL D 79 -10.87 10.91 39.40
CA VAL D 79 -10.00 11.64 40.33
C VAL D 79 -9.28 12.71 39.52
N ALA D 80 -9.24 13.94 40.06
CA ALA D 80 -8.59 15.05 39.38
C ALA D 80 -7.20 15.31 39.94
N VAL D 81 -6.23 15.44 39.04
CA VAL D 81 -4.87 15.80 39.39
C VAL D 81 -4.49 17.03 38.55
N ALA D 82 -4.33 18.16 39.23
CA ALA D 82 -3.93 19.38 38.54
C ALA D 82 -2.43 19.38 38.31
N GLY D 83 -2.00 19.95 37.20
CA GLY D 83 -0.57 20.19 36.96
C GLY D 83 -0.29 20.53 35.52
N ASP D 84 0.85 21.16 35.31
CA ASP D 84 1.39 21.44 33.96
C ASP D 84 2.07 20.19 33.48
N ILE D 85 1.55 19.59 32.40
CA ILE D 85 2.04 18.28 31.95
C ILE D 85 3.45 18.38 31.39
N SER D 86 3.91 19.60 31.11
CA SER D 86 5.30 19.79 30.65
C SER D 86 6.33 19.77 31.80
N GLN D 87 5.86 19.65 33.03
CA GLN D 87 6.72 19.67 34.20
C GLN D 87 6.72 18.27 34.86
N ARG D 88 7.92 17.78 35.21
CA ARG D 88 8.07 16.39 35.65
C ARG D 88 7.13 15.98 36.81
N SER D 89 6.91 16.87 37.76
CA SER D 89 6.05 16.56 38.91
C SER D 89 4.67 16.06 38.50
N THR D 90 4.17 16.53 37.36
CA THR D 90 2.82 16.19 36.96
C THR D 90 2.74 14.73 36.55
N ALA D 91 3.58 14.33 35.61
CA ALA D 91 3.59 12.92 35.19
C ALA D 91 3.87 11.98 36.37
N ASP D 92 4.68 12.43 37.34
CA ASP D 92 5.00 11.62 38.49
C ASP D 92 3.75 11.41 39.33
N GLU D 93 3.02 12.50 39.56
CA GLU D 93 1.80 12.41 40.38
C GLU D 93 0.70 11.58 39.69
N LEU D 94 0.62 11.67 38.37
CA LEU D 94 -0.37 10.92 37.62
C LEU D 94 -0.16 9.42 37.75
N VAL D 95 1.08 8.99 37.61
CA VAL D 95 1.34 7.56 37.69
C VAL D 95 1.16 7.10 39.16
N GLU D 96 1.61 7.90 40.11
CA GLU D 96 1.42 7.56 41.52
C GLU D 96 -0.06 7.42 41.87
N THR D 97 -0.88 8.33 41.33
CA THR D 97 -2.32 8.33 41.58
C THR D 97 -2.94 7.07 40.98
N ALA D 98 -2.58 6.74 39.74
CA ALA D 98 -3.14 5.56 39.12
C ALA D 98 -2.73 4.31 39.89
N GLU D 99 -1.47 4.24 40.31
CA GLU D 99 -1.03 3.12 41.14
C GLU D 99 -1.85 2.98 42.43
N GLY D 100 -2.14 4.10 43.10
CA GLY D 100 -2.96 4.10 44.32
C GLY D 100 -4.36 3.58 44.07
N LEU D 101 -4.81 3.67 42.81
CA LEU D 101 -6.12 3.20 42.39
C LEU D 101 -6.14 1.76 41.90
N GLY D 102 -4.99 1.09 41.93
CA GLY D 102 -4.93 -0.31 41.60
C GLY D 102 -4.04 -0.65 40.43
N GLY D 103 -3.55 0.35 39.71
CA GLY D 103 -2.68 0.10 38.54
C GLY D 103 -2.83 1.16 37.47
N LEU D 104 -2.03 1.07 36.42
CA LEU D 104 -2.14 1.97 35.30
C LEU D 104 -2.34 1.13 34.05
N ASP D 105 -3.45 1.35 33.37
CA ASP D 105 -3.79 0.56 32.19
C ASP D 105 -3.74 1.34 30.89
N ILE D 106 -4.17 2.61 30.93
CA ILE D 106 -4.41 3.37 29.68
C ILE D 106 -3.85 4.76 29.90
N VAL D 107 -3.10 5.27 28.93
CA VAL D 107 -2.61 6.67 28.96
C VAL D 107 -3.08 7.31 27.67
N VAL D 108 -3.80 8.44 27.79
CA VAL D 108 -4.18 9.26 26.63
C VAL D 108 -3.48 10.60 26.79
N ASN D 109 -2.45 10.83 25.97
CA ASN D 109 -1.78 12.13 25.95
C ASN D 109 -2.53 13.01 24.98
N ASN D 110 -3.24 14.01 25.50
CA ASN D 110 -4.10 14.92 24.72
C ASN D 110 -3.78 16.40 24.95
N ALA D 111 -3.21 16.74 26.11
CA ALA D 111 -2.94 18.15 26.42
C ALA D 111 -2.17 18.92 25.33
N GLY D 112 -2.59 20.15 25.09
CA GLY D 112 -1.86 20.96 24.12
C GLY D 112 -2.40 22.36 24.06
N ILE D 113 -1.59 23.22 23.46
CA ILE D 113 -1.89 24.62 23.24
C ILE D 113 -1.44 24.90 21.82
N THR D 114 -1.99 25.95 21.19
CA THR D 114 -1.42 26.45 19.92
C THR D 114 -0.89 27.83 20.17
N ARG D 115 0.17 28.17 19.44
CA ARG D 115 0.74 29.50 19.41
CA ARG D 115 0.74 29.50 19.41
C ARG D 115 1.13 29.71 17.96
N ASP D 116 0.10 29.91 17.12
CA ASP D 116 0.33 29.96 15.66
C ASP D 116 1.03 31.26 15.24
N ARG D 117 2.01 31.14 14.37
CA ARG D 117 2.64 32.31 13.75
C ARG D 117 3.40 31.80 12.55
N ILE D 118 3.41 32.56 11.47
CA ILE D 118 4.31 32.22 10.35
C ILE D 118 5.76 32.25 10.82
N LEU D 119 6.61 31.39 10.26
CA LEU D 119 7.95 31.15 10.83
C LEU D 119 8.77 32.44 11.02
N PHE D 120 8.73 33.34 10.04
CA PHE D 120 9.59 34.54 10.13
C PHE D 120 9.19 35.52 11.23
N ASN D 121 7.99 35.34 11.77
CA ASN D 121 7.51 36.15 12.90
C ASN D 121 7.43 35.41 14.22
N MET D 122 7.75 34.11 14.22
CA MET D 122 7.61 33.31 15.45
C MET D 122 8.66 33.66 16.51
N SER D 123 8.22 33.88 17.74
CA SER D 123 9.15 34.15 18.85
C SER D 123 9.65 32.84 19.45
N ASP D 124 10.74 32.95 20.23
CA ASP D 124 11.31 31.76 20.91
C ASP D 124 10.29 31.16 21.87
N GLU D 125 9.54 32.05 22.54
CA GLU D 125 8.52 31.63 23.53
CA GLU D 125 8.54 31.66 23.53
C GLU D 125 7.40 30.88 22.87
N GLU D 126 6.93 31.37 21.73
CA GLU D 126 5.87 30.66 20.99
C GLU D 126 6.29 29.25 20.58
N TRP D 127 7.54 29.12 20.14
CA TRP D 127 8.09 27.85 19.71
C TRP D 127 8.20 26.94 20.94
N ASP D 128 8.84 27.44 21.99
CA ASP D 128 9.16 26.61 23.14
C ASP D 128 7.94 26.14 23.89
N ALA D 129 6.92 26.99 23.97
CA ALA D 129 5.74 26.65 24.75
C ALA D 129 5.03 25.46 24.13
N VAL D 130 4.93 25.48 22.81
CA VAL D 130 4.24 24.41 22.08
C VAL D 130 5.03 23.11 22.18
N ILE D 131 6.33 23.18 21.93
CA ILE D 131 7.19 22.02 22.11
C ILE D 131 7.09 21.46 23.53
N ALA D 132 7.12 22.32 24.51
CA ALA D 132 6.99 21.85 25.89
C ALA D 132 5.67 21.11 26.19
N VAL D 133 4.53 21.75 25.96
CA VAL D 133 3.27 21.11 26.35
C VAL D 133 2.99 19.85 25.55
N HIS D 134 3.17 19.95 24.23
CA HIS D 134 2.85 18.80 23.36
C HIS D 134 3.95 17.74 23.46
N LEU D 135 5.17 18.11 23.07
CA LEU D 135 6.20 17.07 22.91
C LEU D 135 6.81 16.67 24.26
N ARG D 136 7.20 17.63 25.10
CA ARG D 136 7.73 17.22 26.41
C ARG D 136 6.67 16.54 27.27
N GLY D 137 5.45 17.08 27.21
CA GLY D 137 4.36 16.51 28.01
C GLY D 137 4.13 15.05 27.59
N HIS D 138 4.00 14.84 26.28
CA HIS D 138 3.89 13.48 25.80
C HIS D 138 5.06 12.58 26.23
N PHE D 139 6.30 13.09 26.14
CA PHE D 139 7.46 12.33 26.56
C PHE D 139 7.36 11.96 28.04
N LEU D 140 7.13 12.95 28.90
CA LEU D 140 7.17 12.67 30.32
C LEU D 140 6.19 11.59 30.77
N LEU D 141 4.95 11.70 30.33
CA LEU D 141 3.95 10.71 30.73
C LEU D 141 4.17 9.36 30.01
N THR D 142 4.51 9.36 28.71
CA THR D 142 4.77 8.08 28.03
C THR D 142 5.99 7.35 28.65
N ARG D 143 7.06 8.10 28.95
CA ARG D 143 8.27 7.54 29.59
C ARG D 143 7.94 6.98 31.01
N ASN D 144 7.23 7.78 31.81
CA ASN D 144 6.79 7.30 33.14
C ASN D 144 5.95 6.03 33.05
N ALA D 145 5.01 6.00 32.10
CA ALA D 145 4.15 4.82 31.92
C ALA D 145 4.96 3.62 31.42
N ALA D 146 5.84 3.88 30.45
CA ALA D 146 6.77 2.83 29.96
C ALA D 146 7.59 2.22 31.08
N ALA D 147 8.17 3.04 31.95
CA ALA D 147 8.93 2.54 33.11
C ALA D 147 8.06 1.74 34.07
N TYR D 148 6.85 2.22 34.31
CA TYR D 148 5.92 1.54 35.19
C TYR D 148 5.57 0.16 34.62
N TRP D 149 5.25 0.10 33.32
CA TRP D 149 4.84 -1.18 32.75
C TRP D 149 5.99 -2.17 32.70
N ARG D 150 7.19 -1.67 32.37
CA ARG D 150 8.36 -2.55 32.33
C ARG D 150 8.56 -3.18 33.73
N SER D 151 8.51 -2.36 34.77
CA SER D 151 8.67 -2.84 36.14
CA SER D 151 8.69 -2.87 36.13
C SER D 151 7.59 -3.82 36.56
N LYS D 152 6.36 -3.55 36.13
CA LYS D 152 5.21 -4.37 36.50
C LYS D 152 5.32 -5.74 35.82
N ALA D 153 5.74 -5.76 34.56
CA ALA D 153 5.95 -7.03 33.85
C ALA D 153 7.08 -7.82 34.51
N LYS D 154 8.18 -7.16 34.90
CA LYS D 154 9.31 -7.85 35.55
C LYS D 154 8.88 -8.50 36.88
N ALA D 155 8.05 -7.80 37.64
CA ALA D 155 7.55 -8.28 38.94
C ALA D 155 6.50 -9.38 38.82
N GLY D 156 5.88 -9.49 37.64
CA GLY D 156 4.85 -10.48 37.38
C GLY D 156 5.37 -11.60 36.51
N ASP D 157 4.67 -11.86 35.40
CA ASP D 157 4.99 -12.99 34.51
C ASP D 157 5.63 -12.57 33.20
N GLY D 158 6.12 -11.33 33.16
CA GLY D 158 6.72 -10.81 31.94
C GLY D 158 5.75 -10.08 31.02
N THR D 159 4.45 -10.06 31.36
CA THR D 159 3.45 -9.30 30.60
C THR D 159 2.69 -8.35 31.52
N VAL D 160 2.04 -7.37 30.90
CA VAL D 160 1.20 -6.41 31.62
C VAL D 160 0.24 -5.80 30.60
N TYR D 161 -0.94 -5.39 31.06
CA TYR D 161 -1.87 -4.71 30.18
C TYR D 161 -1.44 -3.26 30.06
N GLY D 162 -1.35 -2.78 28.82
CA GLY D 162 -1.07 -1.35 28.63
C GLY D 162 -1.48 -0.84 27.27
N ARG D 163 -1.98 0.41 27.26
CA ARG D 163 -2.34 1.09 26.03
C ARG D 163 -1.89 2.54 26.15
N VAL D 164 -1.22 3.02 25.11
CA VAL D 164 -0.89 4.45 24.96
C VAL D 164 -1.66 4.95 23.75
N ILE D 165 -2.38 6.07 23.91
CA ILE D 165 -3.03 6.76 22.80
C ILE D 165 -2.45 8.16 22.80
N ASN D 166 -1.63 8.46 21.80
CA ASN D 166 -1.01 9.77 21.74
C ASN D 166 -1.67 10.58 20.66
N THR D 167 -1.56 11.88 20.78
CA THR D 167 -2.28 12.78 19.90
C THR D 167 -1.31 13.51 19.00
N SER D 168 -1.27 13.06 17.75
CA SER D 168 -0.57 13.79 16.71
C SER D 168 -1.59 14.73 16.03
N SER D 169 -1.32 15.07 14.77
CA SER D 169 -2.20 15.93 14.00
C SER D 169 -1.82 15.77 12.56
N GLU D 170 -2.77 15.99 11.65
CA GLU D 170 -2.43 16.12 10.24
C GLU D 170 -1.34 17.19 10.02
N ALA D 171 -1.20 18.16 10.94
CA ALA D 171 -0.13 19.17 10.84
C ALA D 171 1.28 18.55 10.85
N GLY D 172 1.40 17.41 11.51
CA GLY D 172 2.68 16.72 11.59
C GLY D 172 3.09 16.18 10.23
N LEU D 173 2.10 15.91 9.40
CA LEU D 173 2.29 15.40 8.05
C LEU D 173 2.45 16.50 6.98
N SER D 174 1.89 17.68 7.23
CA SER D 174 1.78 18.72 6.20
CA SER D 174 1.75 18.73 6.21
C SER D 174 2.70 19.90 6.43
N GLY D 175 3.11 20.11 7.67
CA GLY D 175 3.91 21.30 8.00
C GLY D 175 3.24 22.62 7.62
N PRO D 176 2.09 22.93 8.25
CA PRO D 176 1.34 24.11 7.84
C PRO D 176 2.11 25.43 7.97
N VAL D 177 1.86 26.36 7.07
CA VAL D 177 2.61 27.61 7.04
C VAL D 177 2.43 28.43 8.33
N GLY D 178 1.25 28.32 8.95
CA GLY D 178 1.01 29.06 10.17
C GLY D 178 1.41 28.34 11.45
N GLN D 179 1.89 27.12 11.34
CA GLN D 179 2.09 26.26 12.51
C GLN D 179 3.41 25.53 12.50
N PRO D 180 4.56 26.22 12.29
CA PRO D 180 5.80 25.43 12.26
C PRO D 180 6.06 24.70 13.59
N ASN D 181 5.77 25.37 14.71
CA ASN D 181 5.89 24.78 16.04
C ASN D 181 4.97 23.58 16.32
N TYR D 182 3.69 23.77 16.02
CA TYR D 182 2.71 22.72 16.21
C TYR D 182 3.01 21.52 15.30
N GLY D 183 3.28 21.79 14.01
CA GLY D 183 3.62 20.72 13.07
C GLY D 183 4.84 19.93 13.57
N ALA D 184 5.90 20.63 13.98
CA ALA D 184 7.10 19.95 14.51
C ALA D 184 6.81 19.10 15.76
N ALA D 185 6.08 19.69 16.73
CA ALA D 185 5.69 18.92 17.91
C ALA D 185 4.88 17.67 17.58
N LYS D 186 3.90 17.79 16.68
CA LYS D 186 3.05 16.66 16.33
C LYS D 186 3.78 15.58 15.53
N ALA D 187 4.70 15.97 14.63
CA ALA D 187 5.57 14.99 13.97
C ALA D 187 6.48 14.30 14.98
N GLY D 188 7.01 15.07 15.92
CA GLY D 188 7.81 14.52 17.02
C GLY D 188 7.07 13.45 17.80
N ILE D 189 5.82 13.76 18.08
CA ILE D 189 4.95 12.86 18.85
C ILE D 189 4.77 11.54 18.11
N THR D 190 4.57 11.60 16.79
CA THR D 190 4.39 10.37 16.05
C THR D 190 5.63 9.48 16.13
N ALA D 191 6.81 10.08 15.95
CA ALA D 191 8.05 9.30 16.10
C ALA D 191 8.26 8.75 17.50
N LEU D 192 7.98 9.56 18.51
CA LEU D 192 8.03 9.09 19.89
C LEU D 192 7.10 7.88 20.09
N THR D 193 5.90 7.96 19.53
CA THR D 193 4.92 6.87 19.60
C THR D 193 5.42 5.56 18.96
N LEU D 194 6.01 5.68 17.75
CA LEU D 194 6.62 4.54 17.05
C LEU D 194 7.69 3.88 17.91
N SER D 195 8.55 4.71 18.54
CA SER D 195 9.62 4.19 19.38
CA SER D 195 9.61 4.22 19.40
CA SER D 195 9.62 4.19 19.38
C SER D 195 9.06 3.48 20.61
N ALA D 196 8.03 4.07 21.24
CA ALA D 196 7.37 3.48 22.41
C ALA D 196 6.74 2.15 22.04
N ALA D 197 6.09 2.10 20.87
CA ALA D 197 5.49 0.87 20.37
C ALA D 197 6.54 -0.24 20.23
N ARG D 198 7.73 0.10 19.73
CA ARG D 198 8.80 -0.89 19.58
C ARG D 198 9.35 -1.34 20.94
N ALA D 199 9.46 -0.40 21.88
CA ALA D 199 10.04 -0.71 23.18
C ALA D 199 9.15 -1.59 24.05
N LEU D 200 7.84 -1.40 23.90
CA LEU D 200 6.89 -1.97 24.84
C LEU D 200 6.17 -3.20 24.35
N GLU D 201 6.25 -3.44 23.03
CA GLU D 201 5.49 -4.53 22.42
C GLU D 201 5.63 -5.86 23.14
N ARG D 202 6.86 -6.20 23.50
CA ARG D 202 7.10 -7.54 24.03
C ARG D 202 6.47 -7.79 25.41
N PHE D 203 6.09 -6.74 26.14
CA PHE D 203 5.39 -6.87 27.42
C PHE D 203 3.88 -6.97 27.25
N GLY D 204 3.41 -6.88 26.00
CA GLY D 204 1.99 -6.88 25.68
C GLY D 204 1.35 -5.51 25.55
N VAL D 205 2.12 -4.44 25.76
CA VAL D 205 1.62 -3.06 25.67
C VAL D 205 1.51 -2.63 24.20
N ARG D 206 0.55 -1.75 23.89
CA ARG D 206 0.34 -1.30 22.50
C ARG D 206 0.29 0.21 22.55
N ALA D 207 0.95 0.85 21.59
CA ALA D 207 0.97 2.32 21.52
C ALA D 207 0.68 2.78 20.11
N ASN D 208 -0.22 3.76 19.99
CA ASN D 208 -0.65 4.24 18.69
C ASN D 208 -0.93 5.72 18.78
N ALA D 209 -0.98 6.38 17.63
CA ALA D 209 -1.23 7.83 17.60
C ALA D 209 -2.48 8.11 16.80
N ILE D 210 -3.19 9.16 17.20
CA ILE D 210 -4.36 9.59 16.46
C ILE D 210 -4.13 11.02 15.97
N ALA D 211 -4.73 11.34 14.84
CA ALA D 211 -4.70 12.68 14.29
C ALA D 211 -6.13 13.15 14.09
N PRO D 212 -6.69 13.81 15.10
CA PRO D 212 -8.12 14.10 15.10
C PRO D 212 -8.49 15.47 14.53
N ARG D 213 -9.77 15.59 14.16
CA ARG D 213 -10.43 16.89 14.00
C ARG D 213 -11.72 16.82 14.80
N ALA D 214 -11.97 17.82 15.64
CA ALA D 214 -13.21 17.87 16.40
C ALA D 214 -13.53 19.30 16.80
N ARG D 215 -14.81 19.63 16.80
CA ARG D 215 -15.29 20.97 17.11
C ARG D 215 -15.36 21.12 18.62
N THR D 216 -14.63 22.09 19.14
CA THR D 216 -14.60 22.36 20.57
C THR D 216 -14.60 23.88 20.74
N ALA D 217 -14.67 24.35 21.98
CA ALA D 217 -14.49 25.78 22.26
C ALA D 217 -13.19 26.34 21.65
N MET D 218 -12.13 25.54 21.66
CA MET D 218 -10.83 25.96 21.13
C MET D 218 -10.74 25.96 19.61
N THR D 219 -11.48 25.08 18.95
CA THR D 219 -11.42 24.98 17.49
C THR D 219 -12.59 25.70 16.80
N ALA D 220 -13.36 26.44 17.60
CA ALA D 220 -14.51 27.21 17.09
C ALA D 220 -14.08 28.25 16.06
N GLY D 221 -12.92 28.85 16.28
CA GLY D 221 -12.33 29.80 15.35
C GLY D 221 -12.17 29.21 13.95
N VAL D 222 -11.47 28.08 13.88
CA VAL D 222 -11.21 27.40 12.61
C VAL D 222 -12.45 26.74 12.00
N PHE D 223 -13.14 25.91 12.77
CA PHE D 223 -14.25 25.11 12.25
C PHE D 223 -15.60 25.80 12.18
N GLY D 224 -15.80 26.82 13.01
CA GLY D 224 -17.11 27.46 13.13
C GLY D 224 -17.97 26.83 14.22
N ASP D 225 -19.19 27.36 14.40
CA ASP D 225 -20.15 26.81 15.35
C ASP D 225 -20.85 25.59 14.74
N ALA D 226 -21.50 24.79 15.58
CA ALA D 226 -22.23 23.61 15.13
C ALA D 226 -23.42 24.01 14.24
N PRO D 227 -23.63 23.30 13.12
CA PRO D 227 -24.80 23.54 12.26
C PRO D 227 -26.10 23.03 12.89
N GLN D 233 -29.36 13.45 14.12
CA GLN D 233 -28.10 13.53 13.36
C GLN D 233 -26.95 14.06 14.22
N MET D 234 -25.76 13.52 13.99
CA MET D 234 -24.58 13.96 14.71
C MET D 234 -23.78 14.99 13.93
N ASP D 235 -23.24 15.98 14.65
CA ASP D 235 -22.31 16.94 14.08
C ASP D 235 -21.20 16.16 13.36
N PRO D 236 -20.93 16.49 12.08
CA PRO D 236 -19.82 15.83 11.37
C PRO D 236 -18.47 15.99 12.07
N LEU D 237 -18.33 16.98 12.97
CA LEU D 237 -17.08 17.17 13.73
C LEU D 237 -17.24 17.00 15.25
N SER D 238 -18.26 16.23 15.68
CA SER D 238 -18.44 15.93 17.09
C SER D 238 -17.20 15.25 17.64
N THR D 239 -16.86 15.54 18.90
CA THR D 239 -15.84 14.76 19.60
C THR D 239 -16.20 13.28 19.66
N ASP D 240 -17.50 12.95 19.60
CA ASP D 240 -17.93 11.52 19.65
C ASP D 240 -17.18 10.64 18.64
N HIS D 241 -16.96 11.18 17.43
CA HIS D 241 -16.29 10.43 16.35
C HIS D 241 -14.88 10.00 16.77
N VAL D 242 -14.17 10.90 17.46
CA VAL D 242 -12.81 10.64 17.89
C VAL D 242 -12.83 9.68 19.08
N VAL D 243 -13.71 9.95 20.03
CA VAL D 243 -13.85 9.13 21.25
C VAL D 243 -14.11 7.67 20.92
N THR D 244 -14.88 7.40 19.87
CA THR D 244 -15.20 6.02 19.50
C THR D 244 -13.92 5.25 19.15
N LEU D 245 -13.01 5.90 18.42
CA LEU D 245 -11.73 5.27 18.12
C LEU D 245 -10.85 5.12 19.36
N VAL D 246 -10.80 6.15 20.22
CA VAL D 246 -10.03 6.10 21.46
C VAL D 246 -10.51 4.95 22.36
N GLN D 247 -11.82 4.74 22.44
CA GLN D 247 -12.37 3.60 23.18
C GLN D 247 -11.79 2.26 22.67
N PHE D 248 -11.71 2.10 21.36
CA PHE D 248 -11.14 0.88 20.79
C PHE D 248 -9.67 0.75 21.11
N LEU D 249 -8.92 1.84 20.92
CA LEU D 249 -7.48 1.79 21.12
C LEU D 249 -7.14 1.61 22.60
N ALA D 250 -8.10 1.89 23.48
CA ALA D 250 -7.84 1.69 24.92
C ALA D 250 -8.14 0.26 25.41
N ALA D 251 -8.70 -0.56 24.52
CA ALA D 251 -9.43 -1.79 24.90
C ALA D 251 -8.69 -3.06 24.49
N PRO D 252 -9.05 -4.18 25.13
CA PRO D 252 -8.48 -5.47 24.71
C PRO D 252 -8.65 -5.74 23.22
N ALA D 253 -9.75 -5.23 22.65
CA ALA D 253 -10.07 -5.43 21.22
C ALA D 253 -8.94 -5.00 20.26
N SER D 254 -8.11 -4.06 20.69
CA SER D 254 -7.03 -3.49 19.87
C SER D 254 -5.67 -4.15 20.10
N GLU D 255 -5.65 -5.36 20.66
CA GLU D 255 -4.40 -6.09 20.90
C GLU D 255 -3.50 -6.23 19.66
N GLY D 256 -4.12 -6.26 18.47
CA GLY D 256 -3.41 -6.43 17.23
C GLY D 256 -2.95 -5.14 16.57
N VAL D 257 -3.11 -4.01 17.28
CA VAL D 257 -2.86 -2.70 16.70
C VAL D 257 -1.71 -2.04 17.47
N ASN D 258 -0.56 -1.85 16.81
CA ASN D 258 0.60 -1.26 17.50
C ASN D 258 1.42 -0.46 16.51
N GLY D 259 1.91 0.68 16.95
CA GLY D 259 2.72 1.53 16.09
C GLY D 259 2.00 2.09 14.86
N GLN D 260 0.70 2.35 14.99
CA GLN D 260 -0.06 2.92 13.89
C GLN D 260 -0.40 4.39 14.07
N LEU D 261 -0.66 5.03 12.93
CA LEU D 261 -1.19 6.40 12.89
C LEU D 261 -2.56 6.43 12.24
N PHE D 262 -3.56 6.91 12.99
CA PHE D 262 -4.93 6.99 12.48
C PHE D 262 -5.39 8.44 12.36
N ILE D 263 -5.91 8.82 11.20
CA ILE D 263 -6.59 10.12 11.12
C ILE D 263 -8.07 9.85 11.40
N VAL D 264 -8.70 10.70 12.21
CA VAL D 264 -10.11 10.48 12.59
C VAL D 264 -10.93 11.77 12.72
N TYR D 265 -12.03 11.81 11.97
CA TYR D 265 -13.09 12.82 12.14
C TYR D 265 -14.32 12.44 11.32
N GLY D 266 -15.50 12.82 11.82
CA GLY D 266 -16.74 12.32 11.22
C GLY D 266 -16.76 10.80 11.28
N PRO D 267 -17.59 10.19 10.43
CA PRO D 267 -17.77 8.74 10.50
C PRO D 267 -16.69 7.98 9.73
N SER D 268 -15.46 8.48 9.77
CA SER D 268 -14.40 7.93 8.94
C SER D 268 -13.12 7.86 9.75
N VAL D 269 -12.41 6.75 9.61
CA VAL D 269 -11.07 6.57 10.21
C VAL D 269 -10.13 6.14 9.09
N THR D 270 -9.00 6.84 9.00
CA THR D 270 -8.04 6.58 7.93
C THR D 270 -6.75 6.08 8.56
N LEU D 271 -6.37 4.87 8.19
CA LEU D 271 -5.09 4.29 8.59
C LEU D 271 -4.02 4.80 7.66
N VAL D 272 -2.99 5.44 8.22
CA VAL D 272 -1.95 6.06 7.40
C VAL D 272 -0.82 5.07 7.06
N ALA D 273 -0.46 5.03 5.78
CA ALA D 273 0.67 4.23 5.34
C ALA D 273 1.97 4.98 5.48
N ALA D 274 3.03 4.23 5.75
CA ALA D 274 4.40 4.77 5.77
C ALA D 274 4.82 5.41 4.43
N PRO D 275 5.65 6.46 4.48
CA PRO D 275 6.26 7.04 3.26
C PRO D 275 6.96 5.98 2.43
N THR D 276 6.97 6.19 1.13
CA THR D 276 7.67 5.31 0.20
C THR D 276 8.74 6.11 -0.53
N ALA D 277 9.50 5.44 -1.39
CA ALA D 277 10.46 6.16 -2.23
C ALA D 277 9.72 6.61 -3.47
N GLU D 278 9.81 7.91 -3.78
CA GLU D 278 9.29 8.38 -5.05
C GLU D 278 10.22 7.97 -6.19
N LYS D 279 11.50 8.26 -6.02
CA LYS D 279 12.49 8.10 -7.09
CA LYS D 279 12.49 8.10 -7.09
C LYS D 279 13.87 7.86 -6.52
N GLN D 280 14.58 6.89 -7.10
CA GLN D 280 15.98 6.69 -6.76
C GLN D 280 16.86 7.24 -7.88
N PHE D 281 17.81 8.09 -7.49
CA PHE D 281 18.77 8.66 -8.43
C PHE D 281 20.13 8.03 -8.14
N VAL D 282 20.50 7.02 -8.94
CA VAL D 282 21.72 6.25 -8.72
C VAL D 282 22.76 6.59 -9.79
N ALA D 283 23.97 6.92 -9.36
CA ALA D 283 25.06 7.25 -10.29
C ALA D 283 25.43 6.04 -11.14
N ASP D 284 25.98 6.31 -12.33
CA ASP D 284 26.52 5.26 -13.19
C ASP D 284 27.75 4.62 -12.55
N GLU D 285 28.55 5.42 -11.88
CA GLU D 285 29.78 4.96 -11.23
C GLU D 285 29.62 4.99 -9.70
N ASP D 286 30.72 4.89 -8.96
CA ASP D 286 30.67 4.78 -7.51
C ASP D 286 30.51 6.11 -6.76
N ALA D 287 30.30 7.20 -7.49
CA ALA D 287 29.96 8.49 -6.89
C ALA D 287 29.34 9.37 -7.96
N TRP D 288 28.40 10.23 -7.54
CA TRP D 288 27.82 11.23 -8.43
C TRP D 288 28.84 12.33 -8.71
N GLU D 289 29.03 12.66 -9.99
CA GLU D 289 29.71 13.91 -10.33
C GLU D 289 28.73 15.03 -10.02
N PRO D 290 29.18 16.09 -9.33
CA PRO D 290 28.23 17.17 -8.99
C PRO D 290 27.42 17.71 -10.19
N ALA D 291 28.07 17.96 -11.32
CA ALA D 291 27.36 18.48 -12.49
C ALA D 291 26.30 17.48 -12.99
N ASP D 292 26.63 16.19 -12.94
CA ASP D 292 25.73 15.14 -13.40
C ASP D 292 24.49 15.05 -12.49
N LEU D 293 24.70 15.10 -11.18
CA LEU D 293 23.58 15.06 -10.24
C LEU D 293 22.69 16.30 -10.40
N SER D 294 23.32 17.47 -10.56
CA SER D 294 22.58 18.72 -10.78
C SER D 294 21.65 18.68 -12.00
N VAL D 295 22.18 18.30 -13.17
CA VAL D 295 21.34 18.22 -14.36
C VAL D 295 20.22 17.20 -14.19
N THR D 296 20.54 16.05 -13.59
CA THR D 296 19.57 14.98 -13.34
C THR D 296 18.42 15.46 -12.46
N LEU D 297 18.75 16.10 -11.34
CA LEU D 297 17.73 16.58 -10.42
C LEU D 297 16.97 17.78 -10.99
N ARG D 298 17.67 18.73 -11.61
CA ARG D 298 16.99 19.90 -12.16
C ARG D 298 16.02 19.44 -13.26
N ASP D 299 16.43 18.48 -14.10
CA ASP D 299 15.53 17.94 -15.14
C ASP D 299 14.30 17.25 -14.54
N TYR D 300 14.52 16.50 -13.47
CA TYR D 300 13.45 15.77 -12.82
C TYR D 300 12.40 16.73 -12.23
N PHE D 301 12.88 17.82 -11.63
CA PHE D 301 12.00 18.80 -11.00
C PHE D 301 11.37 19.81 -11.98
N ALA D 302 11.91 19.85 -13.21
CA ALA D 302 11.52 20.83 -14.23
C ALA D 302 10.02 21.10 -14.31
N ASP D 303 9.22 20.08 -14.57
CA ASP D 303 7.78 20.33 -14.73
C ASP D 303 6.98 19.71 -13.59
N ARG D 304 7.36 20.05 -12.36
CA ARG D 304 6.77 19.41 -11.20
C ARG D 304 5.69 20.27 -10.57
N ASP D 305 4.60 19.63 -10.18
CA ASP D 305 3.56 20.26 -9.37
C ASP D 305 4.23 20.72 -8.08
N PRO D 306 4.16 22.03 -7.76
CA PRO D 306 4.77 22.61 -6.56
C PRO D 306 4.20 22.03 -5.26
N GLU D 307 3.03 21.41 -5.37
CA GLU D 307 2.42 20.74 -4.23
C GLU D 307 3.00 19.34 -3.99
N ARG D 308 3.72 18.78 -4.96
CA ARG D 308 4.27 17.43 -4.82
C ARG D 308 5.56 17.49 -4.02
N GLY D 309 5.57 16.82 -2.88
CA GLY D 309 6.70 16.83 -1.98
C GLY D 309 6.43 15.91 -0.82
N PHE D 310 7.16 16.08 0.27
CA PHE D 310 7.00 15.18 1.40
C PHE D 310 5.76 15.50 2.26
N SER D 311 5.21 16.70 2.10
CA SER D 311 3.95 17.04 2.77
C SER D 311 2.81 16.19 2.25
N ALA D 312 1.97 15.69 3.15
CA ALA D 312 0.77 14.95 2.80
C ALA D 312 -0.42 15.76 3.32
N THR D 313 -1.46 15.89 2.49
CA THR D 313 -2.62 16.69 2.87
C THR D 313 -3.94 15.96 2.56
N ALA D 314 -4.95 16.23 3.39
CA ALA D 314 -6.32 15.76 3.17
C ALA D 314 -6.36 14.27 2.83
N LEU D 315 -5.66 13.46 3.62
CA LEU D 315 -5.62 12.01 3.35
C LEU D 315 -6.96 11.29 3.55
N MET D 316 -7.86 11.84 4.37
CA MET D 316 -9.20 11.25 4.50
C MET D 316 -9.97 11.34 3.18
N GLU D 317 -9.64 12.37 2.40
CA GLU D 317 -10.30 12.63 1.12
C GLU D 317 -9.45 12.10 -0.02
#